data_2PKD
#
_entry.id   2PKD
#
_cell.length_a   61.013
_cell.length_b   170.982
_cell.length_c   148.527
_cell.angle_alpha   90.00
_cell.angle_beta   90.00
_cell.angle_gamma   90.00
#
_symmetry.space_group_name_H-M   'C 2 2 21'
#
loop_
_entity.id
_entity.type
_entity.pdbx_description
1 polymer 'SLAM family member 5'
2 non-polymer 'CHLORIDE ION'
3 water water
#
_entity_poly.entity_id   1
_entity_poly.type   'polypeptide(L)'
_entity_poly.pdbx_seq_one_letter_code
;MKDSEIFTVNGILGESVTFPVNIQEPRQVKIIAWTSKTSVAYVTPGDSETAPVVTVTHRNYYERIHALGPNYNLVISDLR
MEDAGDYKADINTQADPYTTTKRYNLQIYRR
;
_entity_poly.pdbx_strand_id   A,B,C,D,E,F
#
# COMPACT_ATOMS: atom_id res chain seq x y z
N GLU A 5 -2.65 -16.74 9.38
CA GLU A 5 -3.14 -15.86 8.27
C GLU A 5 -2.00 -15.21 7.42
N ILE A 6 -0.89 -14.76 8.04
CA ILE A 6 0.28 -14.29 7.25
C ILE A 6 1.01 -15.51 6.75
N PHE A 7 0.85 -15.75 5.46
CA PHE A 7 1.46 -16.85 4.78
C PHE A 7 2.93 -16.56 4.41
N THR A 8 3.86 -17.40 4.87
CA THR A 8 5.22 -17.30 4.38
C THR A 8 5.59 -17.96 2.98
N VAL A 9 6.13 -17.15 2.07
CA VAL A 9 6.63 -17.61 0.78
C VAL A 9 8.13 -17.40 0.72
N ASN A 10 8.90 -18.39 0.24
CA ASN A 10 10.34 -18.17 0.05
C ASN A 10 10.71 -18.06 -1.45
N GLY A 11 11.58 -17.11 -1.82
CA GLY A 11 12.08 -17.03 -3.22
C GLY A 11 13.61 -17.01 -3.28
N ILE A 12 14.15 -17.33 -4.45
CA ILE A 12 15.60 -17.38 -4.64
C ILE A 12 15.91 -16.11 -5.45
N LEU A 13 16.88 -15.33 -4.97
CA LEU A 13 17.51 -14.22 -5.67
C LEU A 13 17.75 -14.54 -7.16
N GLY A 14 17.20 -13.67 -8.01
CA GLY A 14 17.35 -13.77 -9.44
C GLY A 14 16.34 -14.65 -10.08
N GLU A 15 15.53 -15.35 -9.28
CA GLU A 15 14.48 -16.20 -9.86
C GLU A 15 13.09 -15.61 -9.69
N SER A 16 12.06 -16.42 -9.82
CA SER A 16 10.65 -16.02 -9.66
C SER A 16 10.04 -16.75 -8.45
N VAL A 17 9.01 -16.13 -7.90
CA VAL A 17 8.20 -16.74 -6.86
C VAL A 17 6.72 -16.41 -7.09
N THR A 18 5.82 -17.36 -6.75
CA THR A 18 4.39 -17.20 -6.84
C THR A 18 3.74 -16.94 -5.47
N PHE A 19 2.86 -15.94 -5.42
CA PHE A 19 2.04 -15.69 -4.25
C PHE A 19 0.68 -16.36 -4.54
N PRO A 20 0.25 -17.31 -3.67
CA PRO A 20 -1.03 -17.98 -3.83
C PRO A 20 -2.25 -17.06 -3.55
N VAL A 21 -3.12 -16.94 -4.53
CA VAL A 21 -4.31 -16.14 -4.39
C VAL A 21 -5.52 -17.06 -4.62
N ASN A 22 -5.52 -17.70 -5.78
CA ASN A 22 -6.48 -18.74 -6.11
C ASN A 22 -7.91 -18.23 -5.95
N ILE A 23 -8.28 -17.25 -6.77
CA ILE A 23 -9.66 -16.77 -6.75
C ILE A 23 -10.60 -17.84 -7.35
N GLN A 24 -11.63 -18.19 -6.58
CA GLN A 24 -12.63 -19.22 -6.96
C GLN A 24 -13.70 -18.71 -7.96
N GLU A 25 -14.33 -19.66 -8.65
CA GLU A 25 -15.25 -19.39 -9.79
C GLU A 25 -16.63 -18.69 -9.55
N PRO A 26 -17.14 -18.62 -8.29
CA PRO A 26 -18.30 -17.68 -8.18
C PRO A 26 -17.91 -16.16 -8.04
N ARG A 27 -16.74 -15.88 -7.45
CA ARG A 27 -16.21 -14.52 -7.26
C ARG A 27 -15.85 -13.81 -8.57
N GLN A 28 -16.27 -12.56 -8.72
CA GLN A 28 -15.77 -11.78 -9.86
C GLN A 28 -14.89 -10.59 -9.40
N VAL A 29 -13.66 -10.63 -9.87
CA VAL A 29 -12.62 -9.68 -9.47
C VAL A 29 -12.82 -8.36 -10.21
N LYS A 30 -12.78 -7.25 -9.47
CA LYS A 30 -12.75 -5.93 -10.11
C LYS A 30 -11.31 -5.43 -10.26
N ILE A 31 -10.61 -5.39 -9.12
CA ILE A 31 -9.24 -5.02 -9.10
C ILE A 31 -8.57 -5.59 -7.86
N ILE A 32 -7.38 -6.16 -8.02
CA ILE A 32 -6.56 -6.44 -6.86
C ILE A 32 -5.39 -5.43 -6.79
N ALA A 33 -5.26 -4.80 -5.62
CA ALA A 33 -4.15 -3.88 -5.28
C ALA A 33 -3.13 -4.51 -4.36
N TRP A 34 -1.89 -4.57 -4.83
CA TRP A 34 -0.77 -5.17 -4.10
C TRP A 34 0.12 -4.13 -3.56
N THR A 35 0.50 -4.26 -2.29
CA THR A 35 1.37 -3.32 -1.63
C THR A 35 2.38 -4.05 -0.77
N SER A 36 3.51 -3.41 -0.47
CA SER A 36 4.55 -3.90 0.37
C SER A 36 5.11 -2.68 1.11
N LYS A 37 6.41 -2.56 1.28
CA LYS A 37 6.94 -1.30 1.76
C LYS A 37 6.60 -0.17 0.78
N THR A 38 6.32 -0.48 -0.48
CA THR A 38 5.93 0.58 -1.43
C THR A 38 4.74 -0.07 -2.04
N SER A 39 3.92 0.67 -2.79
CA SER A 39 2.88 0.06 -3.66
C SER A 39 3.64 -0.80 -4.63
N VAL A 40 2.99 -1.83 -5.18
CA VAL A 40 3.64 -2.84 -6.02
C VAL A 40 2.96 -2.78 -7.40
N ALA A 41 1.65 -3.06 -7.44
CA ALA A 41 0.91 -3.17 -8.69
C ALA A 41 -0.60 -3.34 -8.48
N TYR A 42 -1.38 -3.05 -9.53
N TYR A 42 -1.39 -3.03 -9.53
CA TYR A 42 -2.77 -3.38 -9.59
CA TYR A 42 -2.78 -3.40 -9.60
C TYR A 42 -3.04 -4.37 -10.70
C TYR A 42 -2.93 -4.47 -10.63
N VAL A 43 -3.89 -5.36 -10.41
CA VAL A 43 -4.24 -6.38 -11.36
C VAL A 43 -5.76 -6.33 -11.67
N THR A 44 -6.05 -6.36 -12.97
CA THR A 44 -7.42 -6.32 -13.46
C THR A 44 -7.77 -7.47 -14.42
N PRO A 45 -9.05 -7.83 -14.52
CA PRO A 45 -9.42 -9.01 -15.34
C PRO A 45 -8.93 -8.92 -16.79
N GLY A 46 -8.48 -10.04 -17.36
CA GLY A 46 -8.01 -10.10 -18.75
C GLY A 46 -9.12 -10.26 -19.78
N ASP A 47 -9.17 -11.43 -20.43
CA ASP A 47 -10.20 -11.75 -21.47
C ASP A 47 -10.39 -13.26 -21.60
N SER A 48 -10.77 -13.71 -22.80
CA SER A 48 -10.89 -15.13 -23.13
C SER A 48 -9.58 -15.94 -23.00
N GLU A 49 -8.53 -15.49 -23.71
CA GLU A 49 -7.13 -15.68 -23.21
C GLU A 49 -6.16 -14.53 -23.52
N THR A 50 -6.49 -13.39 -22.89
CA THR A 50 -5.56 -12.37 -22.43
C THR A 50 -5.50 -12.75 -20.94
N ALA A 51 -4.31 -12.85 -20.36
CA ALA A 51 -4.22 -13.09 -18.91
C ALA A 51 -4.47 -11.75 -18.15
N PRO A 52 -4.69 -11.81 -16.81
CA PRO A 52 -4.98 -10.52 -16.15
C PRO A 52 -3.99 -9.41 -16.50
N VAL A 53 -4.47 -8.18 -16.60
CA VAL A 53 -3.63 -7.07 -16.94
C VAL A 53 -2.99 -6.52 -15.64
N VAL A 54 -1.66 -6.28 -15.68
CA VAL A 54 -0.91 -5.80 -14.52
C VAL A 54 -0.37 -4.38 -14.78
N THR A 55 -0.65 -3.45 -13.87
CA THR A 55 -0.14 -2.10 -13.93
C THR A 55 0.75 -1.94 -12.71
N VAL A 56 2.03 -1.73 -13.00
CA VAL A 56 3.06 -1.57 -12.00
C VAL A 56 3.20 -0.14 -11.47
N THR A 57 3.29 0.03 -10.14
CA THR A 57 3.14 1.41 -9.56
C THR A 57 4.28 1.90 -8.71
N HIS A 58 5.39 1.17 -8.81
CA HIS A 58 6.63 1.67 -8.26
C HIS A 58 7.73 1.15 -9.15
N ARG A 59 8.67 2.02 -9.51
CA ARG A 59 9.77 1.66 -10.39
C ARG A 59 10.62 0.48 -9.95
N ASN A 60 10.72 0.24 -8.65
CA ASN A 60 11.46 -0.94 -8.17
C ASN A 60 10.93 -2.23 -8.75
N TYR A 61 9.66 -2.25 -9.13
CA TYR A 61 8.98 -3.48 -9.60
C TYR A 61 8.78 -3.53 -11.17
N TYR A 62 9.12 -2.48 -11.88
CA TYR A 62 8.81 -2.44 -13.31
C TYR A 62 9.45 -3.65 -13.97
N GLU A 63 8.67 -4.26 -14.86
CA GLU A 63 9.09 -5.41 -15.67
C GLU A 63 9.29 -6.71 -14.88
N ARG A 64 8.82 -6.76 -13.64
CA ARG A 64 9.08 -7.91 -12.74
C ARG A 64 7.80 -8.46 -12.16
N ILE A 65 6.64 -8.00 -12.65
CA ILE A 65 5.39 -8.45 -12.03
C ILE A 65 4.52 -9.03 -13.10
N HIS A 66 4.05 -10.27 -12.89
CA HIS A 66 3.20 -10.96 -13.89
C HIS A 66 2.02 -11.53 -13.14
N ALA A 67 0.87 -11.71 -13.77
CA ALA A 67 -0.27 -12.32 -13.08
C ALA A 67 -0.78 -13.54 -13.87
N LEU A 68 -1.34 -14.49 -13.14
CA LEU A 68 -1.73 -15.76 -13.73
C LEU A 68 -3.27 -15.81 -13.73
N GLY A 69 -3.84 -16.46 -14.73
CA GLY A 69 -5.30 -16.66 -14.85
C GLY A 69 -5.60 -18.14 -14.79
N PRO A 70 -6.75 -18.53 -14.26
CA PRO A 70 -7.77 -17.65 -13.67
C PRO A 70 -7.58 -17.42 -12.19
N ASN A 71 -6.53 -17.97 -11.60
CA ASN A 71 -6.37 -17.89 -10.16
C ASN A 71 -6.11 -16.49 -9.63
N TYR A 72 -5.48 -15.67 -10.49
CA TYR A 72 -4.95 -14.33 -10.16
C TYR A 72 -3.74 -14.41 -9.26
N ASN A 73 -3.01 -15.52 -9.37
CA ASN A 73 -1.76 -15.68 -8.66
C ASN A 73 -0.72 -14.65 -9.11
N LEU A 74 -0.03 -14.00 -8.17
CA LEU A 74 0.98 -13.01 -8.53
C LEU A 74 2.38 -13.67 -8.69
N VAL A 75 3.09 -13.33 -9.76
CA VAL A 75 4.49 -13.75 -9.96
C VAL A 75 5.39 -12.54 -9.96
N ILE A 76 6.37 -12.59 -9.10
CA ILE A 76 7.42 -11.60 -9.16
C ILE A 76 8.68 -12.30 -9.62
N SER A 77 9.37 -11.67 -10.56
CA SER A 77 10.48 -12.31 -11.22
C SER A 77 11.71 -11.48 -10.95
N ASP A 78 12.85 -11.98 -11.41
CA ASP A 78 14.12 -11.32 -11.16
C ASP A 78 14.26 -10.82 -9.71
N LEU A 79 14.01 -11.73 -8.75
CA LEU A 79 14.01 -11.33 -7.31
C LEU A 79 15.30 -10.72 -6.82
N ARG A 80 15.16 -9.67 -5.99
CA ARG A 80 16.21 -8.91 -5.29
C ARG A 80 16.05 -9.09 -3.80
N MET A 81 17.14 -8.95 -3.04
CA MET A 81 17.09 -9.02 -1.58
C MET A 81 16.08 -8.01 -1.00
N GLU A 82 16.08 -6.83 -1.58
CA GLU A 82 15.15 -5.76 -1.29
C GLU A 82 13.66 -6.11 -1.51
N ASP A 83 13.34 -7.18 -2.24
CA ASP A 83 11.93 -7.60 -2.33
C ASP A 83 11.31 -8.21 -1.03
N ALA A 84 12.17 -8.68 -0.08
CA ALA A 84 11.77 -9.44 1.11
C ALA A 84 10.86 -8.57 1.96
N GLY A 85 9.86 -9.16 2.63
CA GLY A 85 9.13 -8.41 3.67
C GLY A 85 7.69 -8.73 3.45
N ASP A 86 6.83 -7.90 4.02
CA ASP A 86 5.40 -8.13 3.99
C ASP A 86 4.75 -7.56 2.70
N TYR A 87 3.79 -8.33 2.15
CA TYR A 87 2.98 -7.99 0.99
C TYR A 87 1.50 -8.16 1.38
N LYS A 88 0.63 -7.42 0.72
CA LYS A 88 -0.79 -7.35 1.04
C LYS A 88 -1.49 -7.22 -0.32
N ALA A 89 -2.49 -8.06 -0.54
CA ALA A 89 -3.43 -7.96 -1.67
C ALA A 89 -4.79 -7.54 -1.13
N ASP A 90 -5.30 -6.38 -1.53
CA ASP A 90 -6.68 -5.98 -1.28
C ASP A 90 -7.48 -6.34 -2.50
N ILE A 91 -8.19 -7.47 -2.41
CA ILE A 91 -8.93 -8.06 -3.50
C ILE A 91 -10.33 -7.46 -3.54
N ASN A 92 -10.64 -6.78 -4.65
CA ASN A 92 -11.94 -6.10 -4.81
C ASN A 92 -12.77 -6.83 -5.85
N THR A 93 -13.99 -7.13 -5.44
CA THR A 93 -14.87 -8.01 -6.21
C THR A 93 -16.20 -7.28 -6.39
N GLN A 94 -17.01 -7.76 -7.31
CA GLN A 94 -18.37 -7.20 -7.57
C GLN A 94 -19.34 -7.27 -6.35
N ALA A 95 -19.55 -8.47 -5.80
CA ALA A 95 -20.37 -8.59 -4.60
C ALA A 95 -19.56 -8.52 -3.31
N ASP A 96 -20.27 -8.44 -2.18
CA ASP A 96 -19.68 -8.37 -0.84
C ASP A 96 -18.84 -9.61 -0.52
N PRO A 97 -17.91 -9.52 0.47
CA PRO A 97 -17.53 -8.36 1.32
C PRO A 97 -17.04 -7.09 0.57
N TYR A 98 -17.05 -7.16 -0.75
CA TYR A 98 -16.47 -6.16 -1.67
C TYR A 98 -14.95 -6.08 -1.66
N THR A 99 -14.34 -6.00 -0.46
CA THR A 99 -12.88 -6.06 -0.29
C THR A 99 -12.43 -7.08 0.75
N THR A 100 -11.56 -8.00 0.33
CA THR A 100 -10.88 -9.05 1.15
C THR A 100 -9.39 -8.83 1.04
N THR A 101 -8.68 -8.98 2.14
CA THR A 101 -7.28 -8.72 2.25
C THR A 101 -6.51 -9.99 2.61
N LYS A 102 -5.40 -10.25 1.89
CA LYS A 102 -4.50 -11.36 2.14
C LYS A 102 -3.09 -10.83 2.39
N ARG A 103 -2.41 -11.42 3.38
CA ARG A 103 -1.13 -11.08 3.86
C ARG A 103 -0.12 -12.17 3.62
N TYR A 104 1.10 -11.75 3.31
CA TYR A 104 2.16 -12.61 2.92
C TYR A 104 3.41 -12.05 3.48
N ASN A 105 4.38 -12.91 3.75
CA ASN A 105 5.71 -12.53 4.20
C ASN A 105 6.61 -13.25 3.20
N LEU A 106 7.35 -12.50 2.37
CA LEU A 106 8.34 -13.02 1.40
C LEU A 106 9.72 -13.02 1.95
N GLN A 107 10.42 -14.14 1.85
CA GLN A 107 11.78 -14.08 2.36
C GLN A 107 12.66 -14.47 1.18
N ILE A 108 13.79 -13.83 1.00
CA ILE A 108 14.62 -14.06 -0.20
C ILE A 108 15.99 -14.68 0.15
N TYR A 109 16.49 -15.63 -0.65
CA TYR A 109 17.73 -16.38 -0.36
C TYR A 109 18.59 -16.39 -1.58
N ARG A 110 19.86 -16.09 -1.41
CA ARG A 110 20.78 -16.19 -2.53
C ARG A 110 21.32 -17.62 -2.59
N ARG A 111 21.04 -18.35 -3.69
CA ARG A 111 21.41 -19.77 -3.85
C ARG A 111 21.81 -19.99 -5.31
N SER B 4 12.49 13.37 1.60
CA SER B 4 11.95 14.59 2.29
C SER B 4 11.54 14.39 3.78
N GLU B 5 10.38 14.97 4.16
CA GLU B 5 9.77 14.82 5.50
C GLU B 5 8.30 14.31 5.41
N ILE B 6 7.79 13.79 6.52
CA ILE B 6 6.38 13.52 6.63
C ILE B 6 5.69 14.88 6.77
N PHE B 7 4.58 15.05 6.09
CA PHE B 7 3.78 16.25 6.18
C PHE B 7 2.45 16.01 6.90
N THR B 8 2.14 16.77 7.97
CA THR B 8 0.87 16.62 8.73
C THR B 8 -0.32 17.45 8.22
N VAL B 9 -1.46 16.80 7.98
CA VAL B 9 -2.67 17.44 7.48
C VAL B 9 -3.77 17.12 8.49
N ASN B 10 -4.57 18.14 8.83
CA ASN B 10 -5.65 17.99 9.78
C ASN B 10 -6.99 17.98 9.14
N GLY B 11 -7.87 17.13 9.64
CA GLY B 11 -9.23 17.10 9.09
C GLY B 11 -10.32 16.92 10.12
N ILE B 12 -11.53 17.32 9.73
CA ILE B 12 -12.70 17.27 10.62
C ILE B 12 -13.64 16.18 10.14
N LEU B 13 -13.98 15.27 11.05
CA LEU B 13 -15.02 14.24 10.82
C LEU B 13 -16.19 14.75 10.01
N GLY B 14 -16.62 13.96 9.06
CA GLY B 14 -17.75 14.36 8.23
C GLY B 14 -17.36 15.31 7.14
N GLU B 15 -16.16 15.88 7.21
CA GLU B 15 -15.79 16.92 6.24
C GLU B 15 -14.83 16.42 5.14
N SER B 16 -14.12 17.34 4.48
CA SER B 16 -13.11 17.02 3.51
C SER B 16 -11.74 17.48 3.98
N VAL B 17 -10.69 16.74 3.58
CA VAL B 17 -9.29 17.19 3.77
C VAL B 17 -8.57 17.08 2.40
N THR B 18 -7.59 17.96 2.18
CA THR B 18 -6.84 17.96 0.94
C THR B 18 -5.40 17.64 1.27
N PHE B 19 -4.80 16.77 0.48
CA PHE B 19 -3.41 16.40 0.64
C PHE B 19 -2.68 17.22 -0.39
N PRO B 20 -1.62 17.96 -0.01
CA PRO B 20 -0.86 18.75 -0.97
C PRO B 20 0.07 17.81 -1.75
N VAL B 21 -0.11 17.79 -3.03
CA VAL B 21 0.73 17.06 -3.96
C VAL B 21 1.50 18.09 -4.82
N ASN B 22 0.81 19.12 -5.31
CA ASN B 22 1.44 20.28 -5.99
C ASN B 22 2.36 19.80 -7.14
N ILE B 23 1.85 18.96 -8.04
CA ILE B 23 2.61 18.57 -9.22
C ILE B 23 2.67 19.78 -10.13
N GLN B 24 3.88 20.33 -10.31
CA GLN B 24 4.03 21.65 -10.94
C GLN B 24 4.54 21.47 -12.36
N GLU B 25 4.10 20.37 -12.96
CA GLU B 25 4.36 19.93 -14.35
C GLU B 25 3.46 18.73 -14.62
N PRO B 26 2.12 18.99 -14.68
CA PRO B 26 1.17 17.86 -14.67
C PRO B 26 1.37 16.78 -15.75
N ARG B 27 1.35 17.13 -17.03
CA ARG B 27 1.22 16.13 -18.10
C ARG B 27 2.33 15.04 -18.14
N GLN B 28 3.32 15.12 -17.27
CA GLN B 28 4.31 14.06 -17.15
C GLN B 28 3.93 12.89 -16.14
N VAL B 29 2.75 12.99 -15.52
CA VAL B 29 2.34 12.05 -14.51
C VAL B 29 1.72 10.84 -15.18
N LYS B 30 2.24 9.63 -14.94
CA LYS B 30 1.58 8.38 -15.41
C LYS B 30 0.49 7.87 -14.42
N ILE B 31 0.87 7.70 -13.16
CA ILE B 31 -0.07 7.17 -12.18
C ILE B 31 0.38 7.49 -10.82
N ILE B 32 -0.57 7.81 -9.96
CA ILE B 32 -0.24 7.98 -8.53
C ILE B 32 -0.99 6.97 -7.70
N ALA B 33 -0.22 6.26 -6.88
CA ALA B 33 -0.72 5.20 -6.00
C ALA B 33 -0.62 5.59 -4.58
N TRP B 34 -1.82 5.70 -4.00
CA TRP B 34 -2.00 6.15 -2.60
C TRP B 34 -2.24 4.95 -1.69
N THR B 35 -1.48 4.82 -0.62
CA THR B 35 -1.76 3.76 0.28
C THR B 35 -1.79 4.36 1.66
N SER B 36 -2.43 3.65 2.58
CA SER B 36 -2.33 3.88 4.01
C SER B 36 -2.21 2.54 4.73
N LYS B 37 -2.87 2.43 5.89
CA LYS B 37 -3.18 1.13 6.56
C LYS B 37 -3.72 0.16 5.55
N THR B 38 -4.59 0.62 4.66
CA THR B 38 -5.02 -0.18 3.51
C THR B 38 -4.71 0.54 2.17
N SER B 39 -4.88 -0.14 1.03
CA SER B 39 -4.92 0.54 -0.25
C SER B 39 -5.93 1.66 -0.17
N VAL B 40 -5.79 2.68 -0.99
CA VAL B 40 -6.69 3.85 -0.96
C VAL B 40 -7.26 4.02 -2.34
N ALA B 41 -6.42 4.47 -3.32
CA ALA B 41 -6.84 4.69 -4.71
C ALA B 41 -5.65 4.88 -5.63
N TYR B 42 -5.90 4.77 -6.92
N TYR B 42 -5.91 4.82 -6.93
CA TYR B 42 -5.01 5.19 -7.99
CA TYR B 42 -4.98 5.28 -7.94
C TYR B 42 -5.58 6.49 -8.57
C TYR B 42 -5.55 6.35 -8.85
N VAL B 43 -4.72 7.34 -9.09
CA VAL B 43 -5.13 8.57 -9.81
C VAL B 43 -4.33 8.63 -11.10
N THR B 44 -5.00 8.79 -12.21
CA THR B 44 -4.35 8.77 -13.49
C THR B 44 -4.84 10.03 -14.24
N PRO B 45 -4.19 10.38 -15.39
CA PRO B 45 -4.56 11.57 -16.20
C PRO B 45 -5.97 11.47 -16.77
N GLY B 46 -6.72 12.56 -16.80
CA GLY B 46 -8.02 12.52 -17.52
C GLY B 46 -7.83 12.41 -19.03
N ASP B 47 -8.74 11.74 -19.74
CA ASP B 47 -8.51 11.38 -21.18
C ASP B 47 -7.83 12.55 -21.90
N SER B 48 -8.57 13.64 -22.01
CA SER B 48 -7.97 14.95 -22.09
C SER B 48 -8.76 15.76 -21.04
N GLU B 49 -8.05 16.51 -20.18
CA GLU B 49 -8.71 17.45 -19.24
C GLU B 49 -7.83 18.42 -18.45
N THR B 50 -8.47 19.16 -17.53
CA THR B 50 -7.84 19.63 -16.29
C THR B 50 -7.58 18.34 -15.52
N ALA B 51 -8.66 17.55 -15.37
CA ALA B 51 -8.93 16.74 -14.17
C ALA B 51 -8.63 15.22 -14.24
N PRO B 52 -7.97 14.73 -13.18
CA PRO B 52 -7.56 13.35 -13.16
C PRO B 52 -8.70 12.42 -12.70
N VAL B 53 -8.54 11.15 -13.01
CA VAL B 53 -9.52 10.12 -12.65
C VAL B 53 -9.03 9.25 -11.49
N VAL B 54 -9.94 8.99 -10.57
CA VAL B 54 -9.67 8.24 -9.39
C VAL B 54 -10.26 6.83 -9.63
N THR B 55 -9.57 5.79 -9.16
CA THR B 55 -10.10 4.45 -9.04
C THR B 55 -9.81 4.07 -7.62
N VAL B 56 -10.84 3.97 -6.79
CA VAL B 56 -10.68 3.62 -5.37
C VAL B 56 -10.47 2.09 -5.27
N THR B 57 -9.65 1.64 -4.32
CA THR B 57 -9.16 0.27 -4.40
C THR B 57 -9.39 -0.46 -3.08
N HIS B 58 -10.17 0.14 -2.21
CA HIS B 58 -10.62 -0.48 -0.99
C HIS B 58 -12.00 0.14 -0.69
N ARG B 59 -12.91 -0.69 -0.17
CA ARG B 59 -14.31 -0.30 0.02
C ARG B 59 -14.51 0.72 1.12
N ASN B 60 -13.59 0.76 2.10
CA ASN B 60 -13.55 1.81 3.11
C ASN B 60 -13.56 3.20 2.52
N TYR B 61 -13.11 3.35 1.26
CA TYR B 61 -12.85 4.65 0.71
C TYR B 61 -13.75 4.85 -0.50
N TYR B 62 -14.56 3.87 -0.78
CA TYR B 62 -15.55 3.96 -1.85
C TYR B 62 -16.34 5.27 -1.79
N GLU B 63 -16.51 5.84 -2.97
CA GLU B 63 -17.18 7.19 -3.25
C GLU B 63 -16.60 8.44 -2.61
N ARG B 64 -15.48 8.29 -1.89
CA ARG B 64 -14.95 9.33 -0.99
C ARG B 64 -13.58 9.90 -1.38
N ILE B 65 -13.14 9.56 -2.59
CA ILE B 65 -11.85 10.03 -3.04
C ILE B 65 -12.02 10.88 -4.28
N HIS B 66 -11.47 12.10 -4.20
CA HIS B 66 -11.50 13.00 -5.34
C HIS B 66 -10.14 13.56 -5.63
N ALA B 67 -9.80 13.77 -6.90
CA ALA B 67 -8.55 14.44 -7.24
C ALA B 67 -8.77 15.76 -7.99
N LEU B 68 -7.79 16.66 -7.90
CA LEU B 68 -7.96 18.04 -8.33
C LEU B 68 -7.01 18.33 -9.47
N GLY B 69 -7.52 19.00 -10.50
CA GLY B 69 -6.69 19.38 -11.63
C GLY B 69 -6.22 20.79 -11.32
N PRO B 70 -5.01 21.15 -11.74
CA PRO B 70 -4.10 20.29 -12.46
C PRO B 70 -3.00 19.73 -11.55
N ASN B 71 -3.11 19.95 -10.25
CA ASN B 71 -2.00 19.72 -9.35
C ASN B 71 -1.91 18.27 -8.79
N TYR B 72 -2.94 17.48 -9.04
CA TYR B 72 -3.10 16.14 -8.46
C TYR B 72 -3.28 16.09 -6.93
N ASN B 73 -3.73 17.19 -6.32
CA ASN B 73 -3.98 17.19 -4.89
C ASN B 73 -5.10 16.16 -4.68
N LEU B 74 -5.09 15.46 -3.56
CA LEU B 74 -6.13 14.48 -3.22
C LEU B 74 -7.12 14.99 -2.15
N VAL B 75 -8.41 14.75 -2.38
CA VAL B 75 -9.45 15.02 -1.36
C VAL B 75 -10.08 13.72 -0.89
N ILE B 76 -10.01 13.48 0.40
CA ILE B 76 -10.81 12.47 1.04
C ILE B 76 -12.01 13.21 1.70
N SER B 77 -13.20 12.92 1.16
CA SER B 77 -14.44 13.50 1.63
C SER B 77 -15.16 12.59 2.61
N ASP B 78 -16.24 13.12 3.21
CA ASP B 78 -16.99 12.44 4.31
C ASP B 78 -16.08 11.86 5.35
N LEU B 79 -15.14 12.61 5.86
CA LEU B 79 -14.10 11.98 6.71
C LEU B 79 -14.55 11.09 7.89
N ARG B 80 -13.81 10.02 8.16
CA ARG B 80 -13.97 9.11 9.30
C ARG B 80 -12.73 9.11 10.20
N MET B 81 -12.89 8.57 11.41
CA MET B 81 -11.82 8.47 12.41
C MET B 81 -10.84 7.37 12.05
N GLU B 82 -11.32 6.40 11.28
CA GLU B 82 -10.49 5.31 10.85
C GLU B 82 -9.56 5.77 9.74
N ASP B 83 -10.02 6.76 8.96
CA ASP B 83 -9.19 7.47 7.98
C ASP B 83 -7.86 7.99 8.51
N ALA B 84 -7.75 8.16 9.81
CA ALA B 84 -6.56 8.82 10.42
C ALA B 84 -5.30 7.97 10.27
N GLY B 85 -4.12 8.58 10.38
CA GLY B 85 -2.82 7.88 10.23
C GLY B 85 -1.94 8.24 8.99
N ASP B 86 -0.98 7.38 8.69
CA ASP B 86 0.04 7.61 7.63
C ASP B 86 -0.45 7.24 6.26
N TYR B 87 -0.26 8.19 5.34
CA TYR B 87 -0.61 8.04 3.96
C TYR B 87 0.65 8.20 3.12
N LYS B 88 0.66 7.58 1.94
CA LYS B 88 1.87 7.58 1.12
C LYS B 88 1.34 7.67 -0.32
N ALA B 89 1.95 8.52 -1.14
CA ALA B 89 1.65 8.61 -2.58
C ALA B 89 2.93 8.20 -3.39
N ASP B 90 2.81 7.17 -4.26
CA ASP B 90 3.86 6.75 -5.18
C ASP B 90 3.56 7.37 -6.52
N ILE B 91 4.25 8.45 -6.82
CA ILE B 91 3.90 9.27 -7.99
C ILE B 91 4.81 8.78 -9.08
N ASN B 92 4.21 8.21 -10.11
CA ASN B 92 4.98 7.57 -11.21
C ASN B 92 4.85 8.58 -12.37
N THR B 93 5.97 9.08 -12.88
CA THR B 93 5.99 10.13 -13.92
C THR B 93 6.77 9.61 -15.13
N GLN B 94 6.83 10.40 -16.20
CA GLN B 94 7.53 9.92 -17.43
C GLN B 94 9.06 9.98 -17.50
N ALA B 95 9.70 10.68 -16.58
CA ALA B 95 11.15 10.80 -16.62
C ALA B 95 11.75 10.58 -15.23
N ASP B 96 13.07 10.26 -15.19
CA ASP B 96 13.82 10.03 -13.92
C ASP B 96 13.30 10.99 -12.81
N PRO B 97 13.17 10.48 -11.57
CA PRO B 97 13.49 9.13 -11.07
C PRO B 97 12.38 8.12 -11.36
N TYR B 98 11.43 8.55 -12.19
CA TYR B 98 10.31 7.71 -12.57
C TYR B 98 9.30 7.42 -11.45
N THR B 99 9.77 7.32 -10.20
CA THR B 99 8.88 7.20 -9.01
C THR B 99 9.39 8.05 -7.88
N THR B 100 8.56 8.98 -7.44
CA THR B 100 8.84 9.74 -6.22
C THR B 100 7.73 9.47 -5.19
N THR B 101 8.06 9.49 -3.92
CA THR B 101 7.10 9.12 -2.91
C THR B 101 6.95 10.29 -1.96
N LYS B 102 5.70 10.68 -1.65
CA LYS B 102 5.39 11.68 -0.63
C LYS B 102 4.71 11.02 0.57
N ARG B 103 5.09 11.43 1.77
CA ARG B 103 4.53 10.91 2.99
C ARG B 103 3.70 11.96 3.78
N TYR B 104 2.54 11.53 4.24
CA TYR B 104 1.65 12.39 5.00
C TYR B 104 1.16 11.72 6.31
N ASN B 105 0.75 12.53 7.26
CA ASN B 105 0.11 12.12 8.50
C ASN B 105 -1.24 12.86 8.65
N LEU B 106 -2.36 12.13 8.55
CA LEU B 106 -3.67 12.65 8.61
C LEU B 106 -4.12 12.52 10.05
N GLN B 107 -4.24 13.67 10.71
CA GLN B 107 -4.88 13.79 12.03
C GLN B 107 -6.34 14.18 11.82
N ILE B 108 -7.22 13.35 12.39
CA ILE B 108 -8.69 13.61 12.37
C ILE B 108 -9.24 14.01 13.77
N TYR B 109 -10.17 14.97 13.76
CA TYR B 109 -10.74 15.53 15.03
C TYR B 109 -12.23 15.39 14.96
N ARG B 110 -12.85 15.55 16.14
CA ARG B 110 -14.29 15.33 16.30
C ARG B 110 -15.06 16.42 15.57
N ARG B 111 -16.34 16.14 15.29
CA ARG B 111 -17.12 16.98 14.38
C ARG B 111 -17.43 18.35 14.99
N GLU C 5 -2.83 -26.50 -12.57
CA GLU C 5 -1.34 -26.26 -12.64
C GLU C 5 -0.64 -26.35 -11.24
N ILE C 6 0.50 -27.02 -11.27
CA ILE C 6 1.33 -27.33 -10.11
C ILE C 6 1.86 -26.07 -9.45
N PHE C 7 1.58 -25.95 -8.20
CA PHE C 7 2.13 -24.81 -7.53
C PHE C 7 3.56 -25.05 -6.96
N THR C 8 4.53 -24.19 -7.31
CA THR C 8 5.87 -24.33 -6.70
C THR C 8 6.07 -23.60 -5.36
N VAL C 9 6.62 -24.33 -4.40
CA VAL C 9 6.98 -23.77 -3.09
C VAL C 9 8.48 -24.10 -2.77
N ASN C 10 9.18 -23.15 -2.20
CA ASN C 10 10.59 -23.28 -1.90
C ASN C 10 10.79 -23.36 -0.40
N GLY C 11 11.71 -24.22 0.03
CA GLY C 11 12.03 -24.39 1.43
C GLY C 11 13.53 -24.52 1.57
N ILE C 12 14.01 -24.32 2.80
CA ILE C 12 15.45 -24.38 3.13
C ILE C 12 15.65 -25.58 4.07
N LEU C 13 16.69 -26.35 3.76
CA LEU C 13 17.08 -27.50 4.50
C LEU C 13 17.13 -27.13 6.01
N GLY C 14 16.51 -27.94 6.85
CA GLY C 14 16.61 -27.62 8.28
C GLY C 14 15.46 -26.74 8.75
N GLU C 15 14.79 -26.05 7.84
CA GLU C 15 13.80 -25.08 8.28
C GLU C 15 12.37 -25.61 8.02
N SER C 16 11.38 -24.73 7.94
CA SER C 16 9.97 -25.07 7.73
C SER C 16 9.48 -24.55 6.42
N VAL C 17 8.41 -25.12 5.89
CA VAL C 17 7.77 -24.57 4.70
C VAL C 17 6.30 -24.83 4.82
N THR C 18 5.47 -23.92 4.30
CA THR C 18 4.00 -24.03 4.26
C THR C 18 3.43 -24.19 2.85
N PHE C 19 2.55 -25.17 2.66
CA PHE C 19 1.76 -25.41 1.44
C PHE C 19 0.44 -24.71 1.59
N PRO C 20 0.09 -23.86 0.60
CA PRO C 20 -1.15 -23.13 0.76
C PRO C 20 -2.32 -23.99 0.25
N VAL C 21 -3.33 -24.11 1.08
CA VAL C 21 -4.49 -24.89 0.79
C VAL C 21 -5.61 -23.85 0.92
N ASN C 22 -5.70 -23.17 2.06
CA ASN C 22 -6.64 -22.06 2.21
C ASN C 22 -8.11 -22.43 1.96
N ILE C 23 -8.62 -23.39 2.75
CA ILE C 23 -10.03 -23.79 2.61
C ILE C 23 -10.86 -22.60 3.03
N GLN C 24 -11.81 -22.18 2.22
CA GLN C 24 -12.74 -21.08 2.59
C GLN C 24 -13.90 -21.47 3.52
N GLU C 25 -14.40 -22.70 3.38
CA GLU C 25 -15.33 -23.25 4.38
C GLU C 25 -14.82 -24.57 4.95
N PRO C 26 -14.02 -24.44 6.01
CA PRO C 26 -13.31 -25.52 6.65
C PRO C 26 -14.27 -26.52 7.32
N ARG C 27 -15.45 -26.04 7.71
CA ARG C 27 -16.46 -26.86 8.39
C ARG C 27 -16.91 -28.03 7.52
N GLN C 28 -16.73 -27.91 6.22
CA GLN C 28 -17.15 -28.91 5.28
C GLN C 28 -16.08 -29.94 4.98
N VAL C 29 -14.88 -29.76 5.54
CA VAL C 29 -13.78 -30.67 5.28
C VAL C 29 -14.01 -31.96 6.03
N LYS C 30 -13.93 -33.09 5.35
CA LYS C 30 -14.03 -34.37 6.03
C LYS C 30 -12.62 -34.88 6.29
N ILE C 31 -11.81 -34.99 5.24
CA ILE C 31 -10.46 -35.42 5.41
C ILE C 31 -9.57 -34.93 4.26
N ILE C 32 -8.31 -34.59 4.56
CA ILE C 32 -7.37 -34.32 3.48
C ILE C 32 -6.24 -35.29 3.53
N ALA C 33 -6.00 -35.99 2.43
CA ALA C 33 -4.91 -36.93 2.41
C ALA C 33 -3.73 -36.41 1.60
N TRP C 34 -2.58 -36.37 2.23
CA TRP C 34 -1.39 -35.82 1.61
C TRP C 34 -0.48 -36.95 1.20
N THR C 35 0.13 -36.88 0.01
CA THR C 35 0.96 -37.97 -0.52
C THR C 35 2.12 -37.37 -1.29
N SER C 36 3.22 -38.11 -1.41
CA SER C 36 4.42 -37.64 -2.11
C SER C 36 5.04 -38.86 -2.71
N LYS C 37 6.37 -39.02 -2.62
CA LYS C 37 7.02 -40.28 -3.02
C LYS C 37 6.46 -41.35 -2.11
N THR C 38 6.12 -40.99 -0.86
CA THR C 38 5.46 -41.93 0.06
C THR C 38 4.18 -41.28 0.54
N SER C 39 3.34 -42.07 1.22
CA SER C 39 2.25 -41.48 1.97
C SER C 39 2.87 -40.46 2.98
N VAL C 40 2.12 -39.42 3.38
CA VAL C 40 2.68 -38.35 4.20
C VAL C 40 1.87 -38.23 5.53
N ALA C 41 0.60 -37.84 5.42
CA ALA C 41 -0.24 -37.60 6.55
C ALA C 41 -1.69 -37.45 6.13
N TYR C 42 -2.61 -37.60 7.08
N TYR C 42 -2.61 -37.61 7.09
CA TYR C 42 -3.97 -37.14 6.81
CA TYR C 42 -4.03 -37.26 6.92
C TYR C 42 -4.29 -36.08 7.85
C TYR C 42 -4.28 -36.08 7.85
N VAL C 43 -5.30 -35.26 7.54
CA VAL C 43 -5.66 -34.11 8.36
C VAL C 43 -7.18 -34.13 8.45
N THR C 44 -7.69 -34.06 9.66
CA THR C 44 -9.13 -34.11 9.91
C THR C 44 -9.42 -32.99 10.89
N PRO C 45 -10.67 -32.47 10.95
CA PRO C 45 -11.10 -31.47 11.93
C PRO C 45 -10.84 -31.94 13.37
N GLY C 46 -10.47 -31.00 14.23
CA GLY C 46 -10.31 -31.35 15.65
C GLY C 46 -11.54 -31.06 16.50
N ASP C 47 -11.31 -30.74 17.79
CA ASP C 47 -12.40 -30.28 18.66
C ASP C 47 -12.72 -28.83 18.36
N SER C 48 -11.68 -28.01 18.26
CA SER C 48 -11.87 -26.63 17.82
C SER C 48 -11.48 -26.49 16.36
N GLU C 49 -11.88 -25.37 15.77
CA GLU C 49 -11.63 -25.03 14.36
C GLU C 49 -10.19 -24.56 14.11
N THR C 50 -9.52 -24.08 15.13
CA THR C 50 -8.13 -23.63 14.97
C THR C 50 -7.09 -24.75 15.01
N ALA C 51 -7.49 -25.94 15.47
CA ALA C 51 -6.52 -27.05 15.51
C ALA C 51 -7.01 -28.36 14.86
N PRO C 52 -6.81 -28.47 13.53
CA PRO C 52 -7.04 -29.72 12.81
C PRO C 52 -6.11 -30.78 13.36
N VAL C 53 -6.47 -32.05 13.18
CA VAL C 53 -5.75 -33.15 13.77
C VAL C 53 -4.92 -33.85 12.68
N VAL C 54 -3.63 -34.01 12.96
CA VAL C 54 -2.68 -34.56 11.99
C VAL C 54 -2.31 -36.01 12.28
N THR C 55 -2.42 -36.92 11.31
CA THR C 55 -1.90 -38.29 11.55
C THR C 55 -0.89 -38.62 10.50
N VAL C 56 0.38 -38.69 10.84
CA VAL C 56 1.42 -38.95 9.88
C VAL C 56 1.40 -40.44 9.50
N THR C 57 1.75 -40.81 8.27
CA THR C 57 1.56 -42.18 7.88
C THR C 57 2.79 -42.78 7.28
N HIS C 58 3.90 -42.08 7.43
CA HIS C 58 5.19 -42.65 7.08
C HIS C 58 6.22 -42.14 8.03
N ARG C 59 7.01 -43.06 8.61
CA ARG C 59 8.03 -42.74 9.64
C ARG C 59 8.95 -41.56 9.17
N ASN C 60 9.18 -41.45 7.85
CA ASN C 60 10.04 -40.36 7.32
C ASN C 60 9.59 -39.00 7.79
N TYR C 61 8.30 -38.82 8.03
CA TYR C 61 7.75 -37.51 8.33
C TYR C 61 7.37 -37.33 9.80
N TYR C 62 7.75 -38.32 10.62
CA TYR C 62 7.29 -38.41 11.99
C TYR C 62 7.63 -37.14 12.76
N GLU C 63 6.64 -36.52 13.41
CA GLU C 63 6.82 -35.27 14.18
C GLU C 63 7.17 -34.01 13.32
N ARG C 64 7.11 -34.12 12.00
CA ARG C 64 7.50 -32.97 11.20
C ARG C 64 6.37 -32.37 10.40
N ILE C 65 5.13 -32.81 10.63
CA ILE C 65 3.98 -32.34 9.87
C ILE C 65 2.99 -31.65 10.83
N HIS C 66 2.56 -30.41 10.51
CA HIS C 66 1.69 -29.62 11.35
C HIS C 66 0.61 -29.00 10.47
N ALA C 67 -0.58 -28.76 10.98
CA ALA C 67 -1.60 -28.15 10.13
C ALA C 67 -2.20 -26.93 10.80
N LEU C 68 -2.50 -25.94 9.97
CA LEU C 68 -2.98 -24.65 10.44
C LEU C 68 -4.50 -24.60 10.32
N GLY C 69 -5.11 -23.97 11.29
CA GLY C 69 -6.53 -23.74 11.23
C GLY C 69 -6.72 -22.25 11.14
N PRO C 70 -7.88 -21.81 10.72
CA PRO C 70 -8.97 -22.62 10.22
C PRO C 70 -8.69 -23.20 8.82
N ASN C 71 -7.61 -22.78 8.15
CA ASN C 71 -7.47 -22.93 6.68
C ASN C 71 -6.93 -24.23 6.11
N TYR C 72 -6.39 -25.10 6.97
CA TYR C 72 -5.83 -26.41 6.58
C TYR C 72 -4.51 -26.38 5.80
N ASN C 73 -3.76 -25.27 5.91
CA ASN C 73 -2.44 -25.24 5.33
C ASN C 73 -1.53 -26.20 6.09
N LEU C 74 -0.63 -26.84 5.37
CA LEU C 74 0.25 -27.84 5.95
C LEU C 74 1.63 -27.25 6.08
N VAL C 75 2.30 -27.53 7.18
CA VAL C 75 3.65 -27.15 7.43
C VAL C 75 4.43 -28.43 7.60
N ILE C 76 5.57 -28.49 6.94
CA ILE C 76 6.51 -29.55 7.16
C ILE C 76 7.72 -28.86 7.74
N SER C 77 8.21 -29.36 8.89
CA SER C 77 9.41 -28.76 9.50
C SER C 77 10.66 -29.66 9.41
N ASP C 78 11.76 -29.13 9.94
CA ASP C 78 13.07 -29.72 9.86
C ASP C 78 13.30 -30.37 8.52
N LEU C 79 13.02 -29.62 7.46
CA LEU C 79 13.13 -30.14 6.11
C LEU C 79 14.44 -30.82 5.82
N ARG C 80 14.38 -31.88 5.02
CA ARG C 80 15.56 -32.56 4.50
C ARG C 80 15.56 -32.54 2.99
N MET C 81 16.74 -32.82 2.41
CA MET C 81 16.86 -32.85 0.98
C MET C 81 15.89 -33.82 0.32
N GLU C 82 15.68 -34.95 0.98
CA GLU C 82 14.78 -36.02 0.53
C GLU C 82 13.29 -35.61 0.53
N ASP C 83 12.93 -34.52 1.21
CA ASP C 83 11.53 -34.09 1.20
C ASP C 83 11.13 -33.46 -0.16
N ALA C 84 12.13 -33.10 -0.98
CA ALA C 84 11.85 -32.34 -2.24
C ALA C 84 11.04 -33.18 -3.18
N GLY C 85 10.20 -32.56 -4.00
CA GLY C 85 9.45 -33.34 -4.97
C GLY C 85 7.98 -32.98 -5.00
N ASP C 86 7.21 -33.86 -5.59
CA ASP C 86 5.81 -33.64 -5.84
C ASP C 86 5.00 -34.04 -4.65
N TYR C 87 4.04 -33.17 -4.29
CA TYR C 87 3.12 -33.40 -3.18
C TYR C 87 1.74 -33.22 -3.71
N LYS C 88 0.78 -33.96 -3.17
CA LYS C 88 -0.56 -33.88 -3.65
C LYS C 88 -1.46 -33.95 -2.43
N ALA C 89 -2.56 -33.17 -2.45
CA ALA C 89 -3.51 -33.18 -1.36
C ALA C 89 -4.85 -33.52 -2.00
N ASP C 90 -5.52 -34.58 -1.54
CA ASP C 90 -6.85 -34.97 -2.01
C ASP C 90 -7.79 -34.54 -0.97
N ILE C 91 -8.61 -33.57 -1.28
CA ILE C 91 -9.40 -32.91 -0.26
C ILE C 91 -10.82 -33.45 -0.29
N ASN C 92 -11.28 -33.99 0.81
CA ASN C 92 -12.61 -34.53 0.81
C ASN C 92 -13.56 -33.70 1.66
N THR C 93 -14.68 -33.33 1.06
CA THR C 93 -15.62 -32.33 1.60
C THR C 93 -17.04 -32.93 1.75
N GLN C 94 -17.84 -32.39 2.68
CA GLN C 94 -19.20 -32.91 2.92
C GLN C 94 -20.06 -32.56 1.75
N ALA C 95 -19.93 -31.28 1.38
CA ALA C 95 -20.75 -30.55 0.40
C ALA C 95 -20.66 -31.13 -0.99
N ASP C 96 -19.72 -32.05 -1.18
CA ASP C 96 -19.29 -32.33 -2.53
C ASP C 96 -19.24 -33.77 -2.96
N PRO C 97 -19.85 -34.07 -4.10
CA PRO C 97 -19.87 -35.50 -4.35
C PRO C 97 -18.51 -35.93 -4.89
N TYR C 98 -17.50 -35.07 -4.72
CA TYR C 98 -16.17 -35.35 -5.26
C TYR C 98 -14.97 -34.99 -4.35
N THR C 99 -13.80 -35.20 -4.91
CA THR C 99 -12.55 -34.99 -4.22
C THR C 99 -11.83 -33.90 -5.04
N THR C 100 -11.28 -32.91 -4.40
CA THR C 100 -10.54 -31.93 -5.16
C THR C 100 -9.10 -32.24 -4.93
N THR C 101 -8.28 -32.25 -5.98
CA THR C 101 -6.87 -32.53 -5.76
C THR C 101 -6.01 -31.28 -5.98
N LYS C 102 -5.14 -30.92 -5.02
CA LYS C 102 -4.11 -29.88 -5.27
C LYS C 102 -2.70 -30.46 -5.35
N ARG C 103 -1.91 -29.98 -6.30
CA ARG C 103 -0.60 -30.48 -6.60
C ARG C 103 0.42 -29.42 -6.38
N TYR C 104 1.55 -29.84 -5.81
CA TYR C 104 2.60 -28.93 -5.34
C TYR C 104 3.96 -29.53 -5.72
N ASN C 105 4.92 -28.66 -5.96
CA ASN C 105 6.27 -29.09 -6.17
C ASN C 105 7.19 -28.31 -5.20
N LEU C 106 7.82 -29.06 -4.29
CA LEU C 106 8.56 -28.51 -3.20
C LEU C 106 10.01 -28.57 -3.64
N GLN C 107 10.70 -27.42 -3.66
CA GLN C 107 12.12 -27.35 -4.09
C GLN C 107 12.89 -27.00 -2.84
N ILE C 108 13.92 -27.77 -2.52
CA ILE C 108 14.69 -27.57 -1.27
C ILE C 108 16.12 -27.17 -1.58
N TYR C 109 16.54 -26.07 -0.96
CA TYR C 109 17.82 -25.47 -1.06
C TYR C 109 18.71 -25.72 0.18
N ARG C 110 20.03 -25.69 -0.03
CA ARG C 110 21.06 -25.50 1.03
C ARG C 110 20.66 -24.65 2.23
N ARG C 111 21.16 -24.97 3.41
CA ARG C 111 21.27 -23.93 4.47
C ARG C 111 22.25 -22.80 4.08
N GLU D 5 -5.84 27.73 -7.64
CA GLU D 5 -6.92 27.44 -6.67
C GLU D 5 -6.50 27.53 -5.21
N ILE D 6 -7.48 27.59 -4.32
CA ILE D 6 -7.16 27.87 -2.94
C ILE D 6 -7.08 26.58 -2.17
N PHE D 7 -5.92 26.37 -1.60
CA PHE D 7 -5.64 25.25 -0.75
C PHE D 7 -6.23 25.48 0.65
N THR D 8 -7.19 24.66 1.06
CA THR D 8 -7.64 24.69 2.46
C THR D 8 -6.72 23.87 3.37
N VAL D 9 -6.24 24.55 4.42
CA VAL D 9 -5.42 24.01 5.50
C VAL D 9 -6.21 24.19 6.83
N ASN D 10 -6.37 23.12 7.61
CA ASN D 10 -7.04 23.23 8.94
C ASN D 10 -6.01 23.20 10.08
N GLY D 11 -6.21 24.05 11.11
CA GLY D 11 -5.30 23.98 12.25
C GLY D 11 -6.10 23.93 13.56
N ILE D 12 -5.39 23.69 14.65
CA ILE D 12 -6.08 23.57 15.92
C ILE D 12 -5.70 24.74 16.82
N LEU D 13 -6.71 25.47 17.28
CA LEU D 13 -6.55 26.55 18.27
C LEU D 13 -5.52 26.12 19.29
N GLY D 14 -4.52 26.97 19.54
CA GLY D 14 -3.40 26.69 20.44
C GLY D 14 -2.22 25.95 19.83
N GLU D 15 -2.44 25.31 18.68
CA GLU D 15 -1.42 24.46 18.08
C GLU D 15 -0.69 25.03 16.86
N SER D 16 0.02 24.15 16.15
CA SER D 16 0.75 24.41 14.94
C SER D 16 -0.02 23.95 13.70
N VAL D 17 0.22 24.62 12.58
CA VAL D 17 -0.16 24.13 11.25
C VAL D 17 0.97 24.40 10.20
N THR D 18 1.16 23.48 9.25
CA THR D 18 2.12 23.66 8.19
C THR D 18 1.40 24.03 6.89
N PHE D 19 1.86 25.12 6.23
CA PHE D 19 1.42 25.42 4.88
C PHE D 19 2.34 24.73 3.91
N PRO D 20 1.76 23.98 2.99
CA PRO D 20 2.61 23.28 2.05
C PRO D 20 3.08 24.24 0.94
N VAL D 21 4.38 24.32 0.75
CA VAL D 21 4.92 25.19 -0.30
C VAL D 21 5.65 24.34 -1.34
N ASN D 22 6.39 23.33 -0.89
CA ASN D 22 6.92 22.23 -1.78
C ASN D 22 7.80 22.76 -2.91
N ILE D 23 8.64 23.77 -2.64
CA ILE D 23 9.59 24.24 -3.66
C ILE D 23 10.52 23.11 -4.20
N GLN D 24 10.45 22.87 -5.50
CA GLN D 24 11.21 21.78 -6.15
C GLN D 24 12.71 22.06 -6.29
N GLU D 25 13.06 23.17 -6.94
CA GLU D 25 14.46 23.56 -7.06
C GLU D 25 14.75 24.88 -6.26
N PRO D 26 15.03 24.72 -4.94
CA PRO D 26 15.02 25.75 -3.90
C PRO D 26 16.13 26.80 -3.85
N ARG D 27 17.28 26.54 -4.46
CA ARG D 27 18.36 27.54 -4.47
C ARG D 27 18.07 28.69 -5.44
N GLN D 28 16.90 28.61 -6.07
CA GLN D 28 16.43 29.66 -6.95
C GLN D 28 15.54 30.66 -6.23
N VAL D 29 15.20 30.35 -4.97
CA VAL D 29 14.42 31.28 -4.15
C VAL D 29 15.25 32.51 -3.64
N LYS D 30 14.78 33.67 -4.03
CA LYS D 30 15.32 34.94 -3.52
C LYS D 30 14.58 35.35 -2.21
N ILE D 31 13.24 35.36 -2.25
CA ILE D 31 12.40 35.83 -1.11
C ILE D 31 10.94 35.33 -1.33
N ILE D 32 10.30 34.91 -0.24
CA ILE D 32 8.86 34.60 -0.27
C ILE D 32 8.19 35.56 0.68
N ALA D 33 7.23 36.31 0.15
CA ALA D 33 6.48 37.26 0.93
C ALA D 33 5.14 36.68 1.20
N TRP D 34 4.86 36.50 2.50
CA TRP D 34 3.59 35.97 3.00
C TRP D 34 2.68 37.10 3.46
N THR D 35 1.41 37.07 3.12
CA THR D 35 0.53 38.10 3.61
C THR D 35 -0.79 37.43 3.90
N SER D 36 -1.57 38.05 4.78
CA SER D 36 -2.89 37.60 5.12
C SER D 36 -3.82 38.84 5.25
N LYS D 37 -4.59 38.91 6.32
CA LYS D 37 -5.33 40.14 6.67
C LYS D 37 -4.36 41.32 6.91
N THR D 38 -3.17 41.01 7.42
CA THR D 38 -2.06 41.93 7.55
C THR D 38 -0.83 41.29 6.85
N SER D 39 0.30 41.99 6.83
CA SER D 39 1.59 41.38 6.52
C SER D 39 1.77 40.26 7.48
N VAL D 40 2.57 39.27 7.09
CA VAL D 40 2.87 38.15 7.98
C VAL D 40 4.37 38.08 8.24
N ALA D 41 5.14 37.80 7.19
CA ALA D 41 6.54 37.53 7.32
C ALA D 41 7.17 37.46 5.97
N TYR D 42 8.48 37.60 5.92
CA TYR D 42 9.15 37.12 4.73
C TYR D 42 10.18 36.02 5.02
N VAL D 43 10.54 35.26 3.98
CA VAL D 43 11.47 34.11 4.16
C VAL D 43 12.55 34.17 3.07
N THR D 44 13.81 34.19 3.48
CA THR D 44 14.90 34.21 2.53
C THR D 44 15.82 33.02 2.86
N PRO D 45 16.65 32.57 1.88
CA PRO D 45 17.72 31.58 2.21
C PRO D 45 18.58 31.95 3.44
N GLY D 46 18.99 30.97 4.22
CA GLY D 46 19.85 31.22 5.39
C GLY D 46 21.28 30.68 5.26
N ASP D 47 21.89 30.40 6.42
CA ASP D 47 23.22 29.78 6.55
C ASP D 47 23.43 28.60 5.60
N SER D 48 22.40 27.77 5.52
CA SER D 48 22.48 26.38 5.08
C SER D 48 21.62 26.20 3.82
N GLU D 49 20.94 25.06 3.71
CA GLU D 49 19.81 24.90 2.79
C GLU D 49 18.60 24.36 3.55
N THR D 50 18.88 23.97 4.79
CA THR D 50 17.91 23.42 5.68
C THR D 50 17.46 24.47 6.71
N ALA D 51 17.92 25.73 6.56
CA ALA D 51 17.68 26.78 7.57
C ALA D 51 17.27 28.16 6.97
N PRO D 52 16.06 28.27 6.33
CA PRO D 52 15.59 29.59 5.86
C PRO D 52 15.48 30.58 7.00
N VAL D 53 15.66 31.87 6.68
CA VAL D 53 15.53 32.92 7.69
C VAL D 53 14.16 33.55 7.49
N VAL D 54 13.43 33.69 8.61
CA VAL D 54 12.09 34.26 8.69
C VAL D 54 12.18 35.65 9.35
N THR D 55 11.65 36.68 8.70
CA THR D 55 11.47 37.99 9.35
C THR D 55 9.98 38.28 9.42
N VAL D 56 9.43 38.39 10.65
CA VAL D 56 8.01 38.63 10.85
C VAL D 56 7.71 40.15 10.68
N THR D 57 6.62 40.50 10.03
CA THR D 57 6.42 41.91 9.64
C THR D 57 5.13 42.54 10.18
N HIS D 58 4.47 41.87 11.12
CA HIS D 58 3.37 42.41 11.90
C HIS D 58 3.35 41.78 13.28
N ARG D 59 3.19 42.62 14.31
CA ARG D 59 3.20 42.23 15.74
C ARG D 59 2.36 40.98 16.03
N ASN D 60 1.20 40.85 15.37
CA ASN D 60 0.27 39.72 15.61
C ASN D 60 0.98 38.37 15.48
N TYR D 61 2.09 38.35 14.73
CA TYR D 61 2.81 37.11 14.39
C TYR D 61 4.18 36.99 15.03
N TYR D 62 4.56 37.94 15.88
CA TYR D 62 5.87 37.85 16.53
C TYR D 62 6.04 36.51 17.24
N GLU D 63 7.24 35.92 17.08
CA GLU D 63 7.63 34.61 17.65
C GLU D 63 6.78 33.38 17.21
N ARG D 64 5.83 33.57 16.28
CA ARG D 64 4.90 32.48 15.88
C ARG D 64 5.08 31.92 14.46
N ILE D 65 6.14 32.33 13.76
CA ILE D 65 6.36 31.94 12.36
C ILE D 65 7.71 31.27 12.21
N HIS D 66 7.73 30.12 11.57
CA HIS D 66 8.95 29.34 11.38
C HIS D 66 8.93 28.81 9.96
N ALA D 67 10.10 28.60 9.35
CA ALA D 67 10.16 28.01 8.02
C ALA D 67 11.05 26.77 8.04
N LEU D 68 10.65 25.77 7.27
CA LEU D 68 11.32 24.46 7.13
C LEU D 68 12.13 24.48 5.87
N GLY D 69 13.38 24.03 6.00
CA GLY D 69 14.20 23.77 4.84
C GLY D 69 13.92 22.32 4.48
N PRO D 70 14.35 21.90 3.28
CA PRO D 70 14.78 22.76 2.20
C PRO D 70 13.62 23.21 1.33
N ASN D 71 12.39 23.02 1.80
CA ASN D 71 11.18 23.17 0.94
C ASN D 71 10.37 24.47 1.09
N TYR D 72 10.68 25.23 2.14
CA TYR D 72 10.04 26.56 2.40
C TYR D 72 8.58 26.51 2.84
N ASN D 73 8.15 25.34 3.30
CA ASN D 73 6.97 25.26 4.09
C ASN D 73 7.02 26.22 5.30
N LEU D 74 5.90 26.84 5.58
CA LEU D 74 5.80 27.76 6.70
C LEU D 74 5.02 27.03 7.81
N VAL D 75 5.39 27.26 9.05
CA VAL D 75 4.63 26.76 10.13
C VAL D 75 4.13 27.99 10.92
N ILE D 76 2.84 28.06 11.20
CA ILE D 76 2.36 29.01 12.19
C ILE D 76 1.94 28.29 13.51
N SER D 77 2.54 28.71 14.62
CA SER D 77 2.30 28.09 15.88
C SER D 77 1.44 28.93 16.79
N ASP D 78 1.05 28.35 17.93
CA ASP D 78 0.12 28.94 18.89
C ASP D 78 -1.06 29.61 18.22
N LEU D 79 -1.77 28.87 17.37
CA LEU D 79 -2.90 29.41 16.59
C LEU D 79 -4.08 30.04 17.32
N ARG D 80 -4.56 31.17 16.83
CA ARG D 80 -5.69 31.86 17.44
C ARG D 80 -6.87 31.86 16.48
N MET D 81 -8.11 32.00 16.97
CA MET D 81 -9.27 31.99 16.05
C MET D 81 -9.14 32.99 14.92
N GLU D 82 -8.49 34.11 15.21
CA GLU D 82 -8.30 35.23 14.30
C GLU D 82 -7.13 34.99 13.29
N ASP D 83 -6.40 33.87 13.45
CA ASP D 83 -5.45 33.45 12.42
C ASP D 83 -6.14 32.97 11.12
N ALA D 84 -7.41 32.62 11.21
CA ALA D 84 -8.17 32.11 10.09
C ALA D 84 -8.23 33.07 8.91
N GLY D 85 -8.68 32.52 7.79
CA GLY D 85 -8.84 33.26 6.52
C GLY D 85 -7.73 33.02 5.52
N ASP D 86 -7.65 33.93 4.57
CA ASP D 86 -6.86 33.78 3.35
C ASP D 86 -5.38 34.13 3.60
N TYR D 87 -4.47 33.30 3.09
CA TYR D 87 -3.05 33.58 3.13
C TYR D 87 -2.51 33.50 1.73
N LYS D 88 -1.44 34.24 1.51
CA LYS D 88 -0.93 34.32 0.20
C LYS D 88 0.58 34.35 0.35
N ALA D 89 1.27 33.62 -0.54
CA ALA D 89 2.76 33.63 -0.54
C ALA D 89 3.15 34.04 -1.95
N ASP D 90 4.02 35.06 -2.06
CA ASP D 90 4.56 35.50 -3.36
C ASP D 90 6.00 35.02 -3.43
N ILE D 91 6.20 34.03 -4.29
CA ILE D 91 7.50 33.34 -4.34
C ILE D 91 8.34 34.02 -5.41
N ASN D 92 9.40 34.73 -5.01
CA ASN D 92 10.24 35.34 -6.00
C ASN D 92 11.49 34.47 -6.26
N THR D 93 11.64 34.08 -7.52
CA THR D 93 12.73 33.21 -7.96
C THR D 93 13.71 33.90 -8.93
N GLN D 94 14.88 33.26 -9.06
CA GLN D 94 15.98 33.77 -9.85
C GLN D 94 15.82 33.30 -11.31
N ALA D 95 14.58 33.23 -11.78
CA ALA D 95 14.23 32.73 -13.08
C ALA D 95 12.73 32.81 -13.32
N ASP D 96 12.38 32.99 -14.57
CA ASP D 96 11.02 33.06 -15.08
C ASP D 96 10.07 32.02 -14.44
N PRO D 97 8.83 32.42 -14.06
CA PRO D 97 8.18 33.71 -14.25
C PRO D 97 8.47 34.74 -13.17
N TYR D 98 9.46 34.48 -12.33
CA TYR D 98 10.00 35.48 -11.37
C TYR D 98 9.17 35.62 -10.11
N THR D 99 7.84 35.61 -10.26
CA THR D 99 6.94 35.60 -9.13
C THR D 99 5.86 34.56 -9.38
N THR D 100 5.76 33.63 -8.43
CA THR D 100 4.69 32.63 -8.38
C THR D 100 3.88 32.89 -7.13
N THR D 101 2.54 32.91 -7.25
CA THR D 101 1.66 33.13 -6.07
C THR D 101 0.86 31.88 -5.70
N LYS D 102 0.94 31.45 -4.42
CA LYS D 102 0.15 30.34 -3.90
C LYS D 102 -0.87 30.91 -2.85
N ARG D 103 -2.14 30.51 -2.97
CA ARG D 103 -3.24 30.94 -2.10
C ARG D 103 -3.65 29.77 -1.21
N TYR D 104 -3.92 30.11 0.04
CA TYR D 104 -4.33 29.15 1.02
C TYR D 104 -5.56 29.74 1.72
N ASN D 105 -6.38 28.87 2.28
CA ASN D 105 -7.39 29.29 3.23
C ASN D 105 -7.20 28.51 4.53
N LEU D 106 -6.82 29.21 5.58
CA LEU D 106 -6.69 28.60 6.86
C LEU D 106 -8.02 28.63 7.67
N GLN D 107 -8.38 27.48 8.24
CA GLN D 107 -9.55 27.37 9.10
C GLN D 107 -9.07 26.79 10.44
N ILE D 108 -9.57 27.33 11.54
CA ILE D 108 -9.08 26.97 12.88
C ILE D 108 -10.22 26.30 13.67
N TYR D 109 -9.91 25.14 14.25
CA TYR D 109 -10.86 24.52 15.17
C TYR D 109 -10.27 24.41 16.57
N ARG D 110 -11.18 24.39 17.55
CA ARG D 110 -10.82 24.28 18.96
C ARG D 110 -10.98 22.82 19.29
N ARG D 111 -9.90 22.15 19.68
CA ARG D 111 -9.93 20.69 19.82
C ARG D 111 -8.84 20.22 20.75
N ASP E 3 14.06 -58.51 -9.16
CA ASP E 3 14.38 -57.06 -9.33
C ASP E 3 13.45 -56.11 -8.51
N SER E 4 12.26 -56.62 -8.16
CA SER E 4 11.26 -55.89 -7.31
C SER E 4 10.28 -56.83 -6.65
N GLU E 5 10.18 -56.69 -5.33
CA GLU E 5 9.19 -57.38 -4.51
C GLU E 5 7.77 -56.81 -4.77
N ILE E 6 7.55 -56.32 -5.99
CA ILE E 6 6.22 -55.87 -6.46
C ILE E 6 5.40 -57.13 -6.66
N PHE E 7 4.23 -57.18 -6.04
CA PHE E 7 3.35 -58.34 -6.19
C PHE E 7 2.31 -58.09 -7.30
N THR E 8 2.35 -58.87 -8.37
CA THR E 8 1.34 -58.70 -9.43
C THR E 8 0.02 -59.41 -9.15
N VAL E 9 -1.05 -58.65 -9.33
CA VAL E 9 -2.36 -59.16 -9.09
C VAL E 9 -3.28 -58.90 -10.27
N ASN E 10 -3.96 -59.96 -10.72
CA ASN E 10 -4.94 -59.82 -11.78
C ASN E 10 -6.39 -59.76 -11.37
N GLY E 11 -7.10 -58.82 -11.97
CA GLY E 11 -8.52 -58.58 -11.64
C GLY E 11 -9.29 -58.53 -12.92
N ILE E 12 -10.62 -58.74 -12.81
CA ILE E 12 -11.53 -58.78 -13.95
C ILE E 12 -12.46 -57.61 -13.86
N LEU E 13 -12.56 -56.82 -14.94
CA LEU E 13 -13.51 -55.70 -14.97
C LEU E 13 -14.83 -56.06 -14.30
N GLY E 14 -15.29 -55.25 -13.34
CA GLY E 14 -16.60 -55.49 -12.73
C GLY E 14 -16.57 -56.39 -11.50
N GLU E 15 -15.51 -57.20 -11.35
CA GLU E 15 -15.39 -58.10 -10.22
C GLU E 15 -14.58 -57.46 -9.07
N SER E 16 -14.03 -58.31 -8.22
CA SER E 16 -13.32 -57.99 -7.00
C SER E 16 -11.91 -58.52 -7.19
N VAL E 17 -10.94 -57.89 -6.52
CA VAL E 17 -9.59 -58.44 -6.42
C VAL E 17 -9.12 -58.22 -4.96
N THR E 18 -8.31 -59.12 -4.41
CA THR E 18 -7.83 -59.02 -3.03
C THR E 18 -6.34 -58.71 -3.10
N PHE E 19 -5.86 -57.78 -2.28
CA PHE E 19 -4.42 -57.54 -2.23
C PHE E 19 -3.98 -58.28 -0.99
N PRO E 20 -3.01 -59.19 -1.15
CA PRO E 20 -2.51 -59.94 0.01
C PRO E 20 -1.58 -59.05 0.82
N VAL E 21 -1.85 -58.97 2.10
CA VAL E 21 -1.05 -58.23 2.99
C VAL E 21 -0.59 -59.23 4.03
N ASN E 22 -1.53 -60.01 4.58
CA ASN E 22 -1.18 -61.20 5.41
C ASN E 22 -0.36 -60.78 6.61
N ILE E 23 -0.87 -59.81 7.36
CA ILE E 23 -0.11 -59.30 8.46
C ILE E 23 0.12 -60.35 9.56
N GLN E 24 1.40 -60.55 9.84
CA GLN E 24 1.95 -61.41 10.86
C GLN E 24 1.37 -61.20 12.28
N GLU E 25 1.62 -60.00 12.84
CA GLU E 25 1.22 -59.55 14.19
C GLU E 25 0.13 -58.43 14.07
N PRO E 26 -1.14 -58.82 13.80
CA PRO E 26 -2.24 -57.87 13.51
C PRO E 26 -2.58 -56.80 14.57
N ARG E 27 -2.61 -57.20 15.84
CA ARG E 27 -2.70 -56.31 17.02
C ARG E 27 -1.62 -55.21 17.05
N GLN E 28 -0.58 -55.37 16.21
CA GLN E 28 0.54 -54.47 16.17
C GLN E 28 0.35 -53.37 15.12
N VAL E 29 -0.71 -53.43 14.34
CA VAL E 29 -0.90 -52.45 13.25
C VAL E 29 -1.55 -51.16 13.77
N LYS E 30 -0.92 -50.02 13.49
CA LYS E 30 -1.48 -48.73 13.87
C LYS E 30 -2.37 -48.24 12.73
N ILE E 31 -1.83 -48.12 11.52
CA ILE E 31 -2.60 -47.70 10.36
C ILE E 31 -1.90 -48.16 9.10
N ILE E 32 -2.71 -48.47 8.08
CA ILE E 32 -2.13 -48.75 6.78
C ILE E 32 -2.66 -47.67 5.86
N ALA E 33 -1.78 -47.00 5.12
CA ALA E 33 -2.24 -45.98 4.20
C ALA E 33 -2.02 -46.48 2.83
N TRP E 34 -3.12 -46.62 2.11
CA TRP E 34 -3.04 -47.09 0.78
C TRP E 34 -3.10 -45.98 -0.28
N THR E 35 -2.30 -46.12 -1.32
CA THR E 35 -2.09 -45.12 -2.29
C THR E 35 -1.89 -45.77 -3.68
N SER E 36 -2.33 -45.07 -4.74
CA SER E 36 -2.14 -45.44 -6.12
C SER E 36 -1.89 -44.11 -6.88
N LYS E 37 -2.45 -43.92 -8.06
CA LYS E 37 -2.36 -42.63 -8.77
C LYS E 37 -2.99 -41.52 -7.95
N THR E 38 -4.01 -41.88 -7.19
CA THR E 38 -4.60 -40.97 -6.20
C THR E 38 -4.44 -41.66 -4.85
N SER E 39 -4.65 -40.93 -3.77
CA SER E 39 -4.84 -41.60 -2.49
C SER E 39 -6.04 -42.59 -2.68
N VAL E 40 -6.06 -43.64 -1.86
CA VAL E 40 -7.06 -44.68 -1.95
C VAL E 40 -7.90 -44.78 -0.65
N ALA E 41 -7.29 -45.21 0.47
CA ALA E 41 -7.99 -45.39 1.76
C ALA E 41 -6.98 -45.57 2.85
N TYR E 42 -7.42 -45.35 4.10
N TYR E 42 -7.32 -45.34 4.10
CA TYR E 42 -6.73 -45.68 5.35
CA TYR E 42 -6.51 -45.98 5.10
C TYR E 42 -7.44 -46.86 6.08
C TYR E 42 -7.32 -47.10 5.72
N VAL E 43 -6.66 -47.80 6.62
CA VAL E 43 -7.23 -48.96 7.31
C VAL E 43 -6.70 -48.91 8.73
N THR E 44 -7.61 -48.86 9.69
CA THR E 44 -7.24 -48.85 11.09
C THR E 44 -7.93 -50.04 11.79
N PRO E 45 -7.37 -50.51 12.92
CA PRO E 45 -8.00 -51.62 13.66
C PRO E 45 -9.41 -51.25 14.14
N GLY E 46 -10.30 -52.24 14.18
CA GLY E 46 -11.65 -52.06 14.70
C GLY E 46 -11.76 -52.37 16.19
N ASP E 47 -13.00 -52.59 16.65
CA ASP E 47 -13.28 -53.07 17.99
C ASP E 47 -12.99 -54.54 18.05
N SER E 48 -13.21 -55.21 16.93
CA SER E 48 -12.96 -56.65 16.87
C SER E 48 -11.97 -57.02 15.79
N GLU E 49 -11.22 -58.06 16.11
CA GLU E 49 -10.14 -58.66 15.32
C GLU E 49 -10.38 -58.86 13.82
N THR E 50 -11.61 -59.19 13.44
CA THR E 50 -11.90 -59.60 12.06
C THR E 50 -12.57 -58.54 11.19
N ALA E 51 -12.84 -57.34 11.74
CA ALA E 51 -13.20 -56.21 10.86
C ALA E 51 -12.44 -54.92 11.19
N PRO E 52 -11.31 -54.68 10.49
CA PRO E 52 -10.63 -53.39 10.56
C PRO E 52 -11.57 -52.29 9.96
N VAL E 53 -11.31 -51.03 10.28
CA VAL E 53 -12.12 -49.90 9.81
C VAL E 53 -11.48 -49.30 8.55
N VAL E 54 -12.25 -49.18 7.47
CA VAL E 54 -11.78 -48.61 6.21
C VAL E 54 -12.31 -47.16 6.07
N THR E 55 -11.40 -46.21 5.82
CA THR E 55 -11.78 -44.83 5.44
C THR E 55 -11.25 -44.49 4.08
N VAL E 56 -12.15 -44.36 3.12
CA VAL E 56 -11.80 -44.05 1.75
C VAL E 56 -11.43 -42.52 1.61
N THR E 57 -10.38 -42.22 0.84
CA THR E 57 -9.83 -40.87 0.84
C THR E 57 -9.85 -40.25 -0.58
N HIS E 58 -10.39 -41.00 -1.54
CA HIS E 58 -10.78 -40.41 -2.82
C HIS E 58 -12.10 -40.92 -3.36
N ARG E 59 -12.95 -39.99 -3.86
CA ARG E 59 -14.25 -40.31 -4.50
C ARG E 59 -14.22 -41.46 -5.52
N ASN E 60 -13.16 -41.62 -6.29
CA ASN E 60 -13.08 -42.69 -7.26
C ASN E 60 -13.29 -44.09 -6.65
N TYR E 61 -13.02 -44.27 -5.36
CA TYR E 61 -13.07 -45.59 -4.69
C TYR E 61 -14.21 -45.74 -3.67
N TYR E 62 -15.05 -44.72 -3.58
CA TYR E 62 -16.18 -44.63 -2.67
C TYR E 62 -17.02 -45.92 -2.69
N GLU E 63 -17.25 -46.51 -1.52
CA GLU E 63 -17.95 -47.81 -1.35
C GLU E 63 -17.38 -49.01 -2.13
N ARG E 64 -16.08 -49.02 -2.41
CA ARG E 64 -15.52 -50.09 -3.21
C ARG E 64 -14.28 -50.71 -2.56
N ILE E 65 -13.94 -50.30 -1.34
CA ILE E 65 -12.77 -50.82 -0.62
C ILE E 65 -13.27 -51.48 0.67
N HIS E 66 -12.86 -52.72 0.87
CA HIS E 66 -13.21 -53.52 2.02
C HIS E 66 -11.88 -54.11 2.54
N ALA E 67 -11.80 -54.26 3.84
CA ALA E 67 -10.69 -54.93 4.45
C ALA E 67 -11.15 -56.22 5.12
N LEU E 68 -10.29 -57.24 5.07
CA LEU E 68 -10.62 -58.55 5.61
C LEU E 68 -10.52 -58.68 7.16
N GLY E 69 -9.33 -58.49 7.74
CA GLY E 69 -9.16 -58.79 9.14
C GLY E 69 -9.22 -60.31 9.29
N PRO E 70 -8.44 -60.87 10.22
CA PRO E 70 -7.43 -60.23 11.05
C PRO E 70 -6.14 -59.78 10.33
N ASN E 71 -5.91 -60.23 9.11
CA ASN E 71 -4.64 -59.98 8.44
C ASN E 71 -4.51 -58.71 7.52
N TYR E 72 -5.55 -57.87 7.48
CA TYR E 72 -5.51 -56.61 6.76
C TYR E 72 -5.43 -56.69 5.22
N ASN E 73 -5.77 -57.83 4.62
CA ASN E 73 -5.87 -57.89 3.18
C ASN E 73 -6.89 -56.87 2.71
N LEU E 74 -6.67 -56.28 1.55
CA LEU E 74 -7.62 -55.23 1.11
C LEU E 74 -8.38 -55.73 -0.10
N VAL E 75 -9.69 -55.51 -0.12
CA VAL E 75 -10.43 -55.86 -1.33
C VAL E 75 -10.88 -54.59 -2.07
N ILE E 76 -10.78 -54.58 -3.39
CA ILE E 76 -11.39 -53.55 -4.21
C ILE E 76 -12.44 -54.22 -5.09
N SER E 77 -13.66 -53.67 -5.10
CA SER E 77 -14.78 -54.30 -5.80
C SER E 77 -15.22 -53.44 -6.92
N ASP E 78 -16.10 -54.02 -7.72
CA ASP E 78 -16.62 -53.37 -8.90
C ASP E 78 -15.49 -52.70 -9.69
N LEU E 79 -14.43 -53.45 -9.96
CA LEU E 79 -13.26 -52.98 -10.72
C LEU E 79 -13.54 -52.25 -12.04
N ARG E 80 -12.79 -51.18 -12.31
CA ARG E 80 -12.83 -50.39 -13.57
C ARG E 80 -11.47 -50.39 -14.20
N MET E 81 -11.39 -50.22 -15.52
CA MET E 81 -10.08 -50.22 -16.22
C MET E 81 -9.17 -49.20 -15.58
N GLU E 82 -9.77 -48.15 -15.03
CA GLU E 82 -9.04 -47.03 -14.47
C GLU E 82 -8.36 -47.38 -13.16
N ASP E 83 -8.84 -48.45 -12.52
CA ASP E 83 -8.24 -48.95 -11.28
C ASP E 83 -6.83 -49.54 -11.45
N ALA E 84 -6.42 -49.88 -12.67
CA ALA E 84 -5.14 -50.61 -12.95
C ALA E 84 -3.93 -49.76 -12.70
N GLY E 85 -2.82 -50.37 -12.25
CA GLY E 85 -1.56 -49.64 -12.05
C GLY E 85 -0.91 -50.04 -10.73
N ASP E 86 0.00 -49.23 -10.22
CA ASP E 86 0.71 -49.56 -8.95
C ASP E 86 -0.07 -49.10 -7.76
N TYR E 87 -0.06 -49.91 -6.71
CA TYR E 87 -0.69 -49.57 -5.44
C TYR E 87 0.40 -49.76 -4.41
N LYS E 88 0.33 -49.00 -3.31
CA LYS E 88 1.30 -49.12 -2.23
C LYS E 88 0.57 -49.05 -0.92
N ALA E 89 1.03 -49.84 0.06
CA ALA E 89 0.50 -49.76 1.37
C ALA E 89 1.68 -49.35 2.24
N ASP E 90 1.57 -48.23 2.91
CA ASP E 90 2.51 -47.87 3.96
C ASP E 90 1.97 -48.38 5.29
N ILE E 91 2.61 -49.43 5.84
CA ILE E 91 2.05 -50.11 7.03
C ILE E 91 2.75 -49.61 8.28
N ASN E 92 1.99 -48.99 9.17
CA ASN E 92 2.67 -48.41 10.29
C ASN E 92 2.42 -49.31 11.49
N THR E 93 3.46 -49.69 12.20
CA THR E 93 3.28 -50.62 13.29
C THR E 93 3.74 -50.12 14.66
N GLN E 94 3.24 -50.77 15.72
CA GLN E 94 3.67 -50.43 17.09
C GLN E 94 5.21 -50.43 17.22
N ALA E 95 5.89 -51.37 16.55
CA ALA E 95 7.36 -51.45 16.64
C ALA E 95 8.18 -51.28 15.33
N ASP E 96 9.50 -51.25 15.49
CA ASP E 96 10.50 -51.16 14.40
C ASP E 96 10.29 -52.17 13.23
N PRO E 97 10.42 -51.73 11.95
CA PRO E 97 10.92 -50.45 11.34
C PRO E 97 9.89 -49.27 11.32
N TYR E 98 8.78 -49.49 12.01
CA TYR E 98 7.60 -48.59 12.06
C TYR E 98 6.92 -48.38 10.78
N THR E 99 7.63 -48.27 9.65
CA THR E 99 6.91 -48.20 8.35
C THR E 99 7.53 -49.19 7.36
N THR E 100 6.75 -50.17 6.99
CA THR E 100 7.05 -51.13 5.92
C THR E 100 6.15 -50.84 4.70
N THR E 101 6.75 -50.70 3.54
CA THR E 101 5.96 -50.44 2.36
C THR E 101 5.82 -51.73 1.50
N LYS E 102 4.59 -52.10 1.16
CA LYS E 102 4.34 -53.19 0.23
C LYS E 102 3.80 -52.66 -1.05
N ARG E 103 4.33 -53.19 -2.14
CA ARG E 103 3.97 -52.80 -3.47
C ARG E 103 3.26 -53.86 -4.29
N TYR E 104 2.31 -53.38 -5.09
CA TYR E 104 1.39 -54.17 -5.95
C TYR E 104 1.26 -53.51 -7.29
N ASN E 105 1.14 -54.36 -8.29
CA ASN E 105 0.78 -54.00 -9.62
C ASN E 105 -0.53 -54.75 -9.98
N LEU E 106 -1.60 -53.99 -10.04
CA LEU E 106 -2.91 -54.51 -10.36
C LEU E 106 -3.13 -54.38 -11.87
N GLN E 107 -3.44 -55.51 -12.53
CA GLN E 107 -3.73 -55.52 -13.97
C GLN E 107 -5.16 -55.96 -14.11
N ILE E 108 -5.92 -55.19 -14.85
CA ILE E 108 -7.34 -55.42 -15.04
C ILE E 108 -7.62 -55.85 -16.48
N TYR E 109 -8.39 -56.96 -16.61
CA TYR E 109 -8.75 -57.53 -17.88
C TYR E 109 -10.23 -57.45 -18.08
N ARG E 110 -10.59 -57.55 -19.34
CA ARG E 110 -12.00 -57.42 -19.74
C ARG E 110 -12.80 -58.61 -19.20
N ARG E 111 -14.10 -58.49 -19.10
CA ARG E 111 -14.93 -59.63 -18.71
C ARG E 111 -15.12 -60.70 -19.79
N GLU F 5 -9.07 58.64 7.90
CA GLU F 5 -7.81 57.87 8.17
C GLU F 5 -7.23 57.06 6.95
N ILE F 6 -8.06 56.35 6.16
CA ILE F 6 -7.65 55.86 4.78
C ILE F 6 -7.30 57.04 3.87
N PHE F 7 -6.02 57.24 3.62
CA PHE F 7 -5.55 58.38 2.86
C PHE F 7 -5.75 58.15 1.34
N THR F 8 -6.44 59.06 0.65
CA THR F 8 -6.56 58.90 -0.82
C THR F 8 -5.42 59.55 -1.58
N VAL F 9 -4.87 58.81 -2.53
CA VAL F 9 -3.75 59.24 -3.35
C VAL F 9 -4.21 59.15 -4.84
N ASN F 10 -4.13 60.24 -5.61
CA ASN F 10 -4.56 60.17 -7.01
C ASN F 10 -3.31 60.14 -7.83
N GLY F 11 -3.18 59.18 -8.72
CA GLY F 11 -2.08 59.18 -9.66
C GLY F 11 -2.56 59.18 -11.11
N ILE F 12 -1.65 59.46 -12.05
CA ILE F 12 -1.96 59.59 -13.47
C ILE F 12 -1.27 58.49 -14.20
N LEU F 13 -2.00 57.81 -15.10
CA LEU F 13 -1.45 56.69 -15.86
C LEU F 13 -0.16 57.12 -16.53
N GLY F 14 0.90 56.32 -16.37
CA GLY F 14 2.14 56.62 -17.06
C GLY F 14 3.15 57.40 -16.24
N GLU F 15 2.69 57.98 -15.13
CA GLU F 15 3.52 58.89 -14.34
C GLU F 15 3.95 58.31 -12.98
N SER F 16 4.31 59.14 -12.04
CA SER F 16 4.65 58.59 -10.73
C SER F 16 3.80 59.23 -9.66
N VAL F 17 3.77 58.61 -8.46
CA VAL F 17 2.92 59.12 -7.38
C VAL F 17 3.59 58.83 -6.06
N THR F 18 3.40 59.72 -5.07
CA THR F 18 4.04 59.59 -3.75
C THR F 18 3.02 59.23 -2.64
N PHE F 19 3.30 58.17 -1.85
CA PHE F 19 2.43 57.83 -0.70
C PHE F 19 3.02 58.52 0.51
N PRO F 20 2.19 59.32 1.26
CA PRO F 20 2.68 59.95 2.50
C PRO F 20 2.70 58.97 3.69
N VAL F 21 3.90 58.71 4.20
CA VAL F 21 3.99 58.02 5.45
C VAL F 21 4.51 58.96 6.55
N ASN F 22 5.49 59.80 6.22
CA ASN F 22 5.92 60.90 7.11
C ASN F 22 6.39 60.47 8.48
N ILE F 23 7.33 59.53 8.53
CA ILE F 23 7.87 59.02 9.80
C ILE F 23 8.75 60.14 10.38
N GLN F 24 8.28 60.73 11.47
CA GLN F 24 9.08 61.81 12.04
C GLN F 24 10.09 61.32 13.10
N GLU F 25 9.98 60.02 13.41
CA GLU F 25 10.91 59.23 14.26
C GLU F 25 11.67 58.11 13.48
N PRO F 26 12.46 58.48 12.45
CA PRO F 26 13.09 57.52 11.52
C PRO F 26 14.00 56.42 12.07
N ARG F 27 14.54 56.56 13.29
CA ARG F 27 15.50 55.58 13.84
C ARG F 27 14.77 54.47 14.54
N GLN F 28 13.47 54.68 14.64
CA GLN F 28 12.57 53.81 15.33
C GLN F 28 12.02 52.71 14.41
N VAL F 29 12.09 52.90 13.09
CA VAL F 29 11.56 51.89 12.17
C VAL F 29 12.59 50.79 11.91
N LYS F 30 12.08 49.59 12.03
CA LYS F 30 12.85 48.39 11.73
C LYS F 30 12.51 48.00 10.30
N ILE F 31 11.21 47.89 9.99
CA ILE F 31 10.81 47.48 8.63
C ILE F 31 9.40 47.97 8.28
N ILE F 32 9.21 48.34 7.02
CA ILE F 32 7.85 48.67 6.56
C ILE F 32 7.47 47.72 5.44
N ALA F 33 6.38 47.02 5.68
CA ALA F 33 5.86 46.03 4.74
C ALA F 33 4.66 46.58 3.98
N TRP F 34 4.85 46.76 2.67
CA TRP F 34 3.74 47.21 1.81
C TRP F 34 2.99 46.13 1.03
N THR F 35 1.67 46.16 1.12
CA THR F 35 0.78 45.24 0.46
C THR F 35 -0.36 45.96 -0.28
N SER F 36 -0.91 45.27 -1.30
CA SER F 36 -2.02 45.72 -2.10
C SER F 36 -2.79 44.45 -2.50
N LYS F 37 -3.18 44.30 -3.77
CA LYS F 37 -3.69 42.99 -4.30
C LYS F 37 -2.60 41.94 -4.23
N THR F 38 -1.36 42.35 -4.53
CA THR F 38 -0.19 41.49 -4.29
C THR F 38 0.68 42.07 -3.17
N SER F 39 1.64 41.29 -2.68
CA SER F 39 2.70 41.94 -1.90
C SER F 39 3.33 42.98 -2.84
N VAL F 40 3.90 44.05 -2.28
CA VAL F 40 4.46 45.14 -3.11
C VAL F 40 5.97 45.22 -2.86
N ALA F 41 6.38 45.57 -1.62
CA ALA F 41 7.81 45.81 -1.27
C ALA F 41 7.97 45.85 0.25
N TYR F 42 9.18 45.63 0.74
CA TYR F 42 9.53 45.93 2.11
C TYR F 42 10.52 47.11 2.07
N VAL F 43 10.42 47.95 3.08
CA VAL F 43 11.26 49.13 3.13
C VAL F 43 11.98 49.08 4.47
N THR F 44 13.29 49.17 4.41
CA THR F 44 14.08 48.99 5.62
C THR F 44 15.13 50.14 5.75
N PRO F 45 15.70 50.36 6.95
CA PRO F 45 16.65 51.46 6.99
C PRO F 45 17.95 51.02 6.30
N GLY F 46 18.52 51.84 5.42
CA GLY F 46 19.77 51.48 4.74
C GLY F 46 20.93 51.88 5.64
N ASP F 47 22.02 52.39 5.07
CA ASP F 47 23.06 52.99 5.93
C ASP F 47 23.34 54.46 5.55
N SER F 48 22.29 55.13 5.05
CA SER F 48 22.47 56.37 4.30
C SER F 48 21.74 57.66 4.71
N GLU F 49 21.10 57.70 5.88
CA GLU F 49 20.28 56.62 6.43
C GLU F 49 18.93 57.01 5.80
N THR F 50 18.83 58.31 5.53
CA THR F 50 17.83 58.96 4.68
C THR F 50 18.00 58.62 3.17
N ALA F 51 18.27 57.34 2.93
CA ALA F 51 18.07 56.69 1.62
C ALA F 51 17.70 55.22 1.89
N PRO F 52 16.41 54.98 2.28
CA PRO F 52 15.97 53.65 2.67
C PRO F 52 16.11 52.58 1.59
N VAL F 53 16.26 51.33 2.02
CA VAL F 53 16.41 50.21 1.09
C VAL F 53 15.04 49.59 0.77
N VAL F 54 14.73 49.53 -0.51
CA VAL F 54 13.49 48.98 -1.01
C VAL F 54 13.77 47.57 -1.55
N THR F 55 13.08 46.55 -1.04
CA THR F 55 13.06 45.20 -1.70
C THR F 55 11.68 44.92 -2.24
N VAL F 56 11.58 44.78 -3.55
CA VAL F 56 10.32 44.58 -4.25
C VAL F 56 9.95 43.05 -4.27
N THR F 57 8.67 42.71 -4.06
CA THR F 57 8.33 41.35 -3.74
C THR F 57 7.30 40.82 -4.71
N HIS F 58 7.05 41.56 -5.77
CA HIS F 58 6.23 41.03 -6.79
C HIS F 58 6.63 41.60 -8.13
N ARG F 59 6.71 40.74 -9.16
CA ARG F 59 7.15 41.09 -10.48
C ARG F 59 6.45 42.28 -11.10
N ASN F 60 5.16 42.40 -10.84
CA ASN F 60 4.37 43.55 -11.33
C ASN F 60 5.02 44.89 -10.97
N TYR F 61 5.74 44.93 -9.87
CA TYR F 61 6.29 46.19 -9.38
C TYR F 61 7.83 46.35 -9.57
N TYR F 62 8.49 45.37 -10.18
CA TYR F 62 9.93 45.38 -10.27
C TYR F 62 10.42 46.70 -10.89
N GLU F 63 11.31 47.41 -10.17
CA GLU F 63 11.92 48.67 -10.66
C GLU F 63 11.04 49.91 -10.63
N ARG F 64 9.81 49.76 -10.17
CA ARG F 64 8.86 50.90 -10.12
C ARG F 64 8.59 51.39 -8.69
N ILE F 65 9.31 50.85 -7.71
CA ILE F 65 9.11 51.28 -6.32
C ILE F 65 10.39 51.98 -5.92
N HIS F 66 10.27 53.06 -5.15
CA HIS F 66 11.44 53.87 -4.72
C HIS F 66 11.06 54.46 -3.39
N ALA F 67 11.96 54.52 -2.42
CA ALA F 67 11.56 55.16 -1.18
C ALA F 67 12.32 56.46 -0.94
N LEU F 68 11.68 57.30 -0.12
CA LEU F 68 12.18 58.62 0.20
C LEU F 68 12.64 58.67 1.63
N GLY F 69 13.81 59.27 1.82
CA GLY F 69 14.36 59.45 3.14
C GLY F 69 14.36 60.91 3.44
N PRO F 70 14.24 61.25 4.73
CA PRO F 70 14.19 60.33 5.85
C PRO F 70 12.74 59.99 6.27
N ASN F 71 11.77 60.35 5.45
CA ASN F 71 10.37 60.23 5.91
C ASN F 71 9.73 58.86 5.70
N TYR F 72 10.39 58.01 4.92
CA TYR F 72 9.82 56.70 4.46
C TYR F 72 8.66 56.79 3.47
N ASN F 73 8.48 57.97 2.87
CA ASN F 73 7.50 58.09 1.77
C ASN F 73 7.81 57.16 0.61
N LEU F 74 6.75 56.62 -0.03
CA LEU F 74 6.96 55.62 -1.12
C LEU F 74 6.56 56.22 -2.45
N VAL F 75 7.43 56.08 -3.47
CA VAL F 75 7.10 56.43 -4.83
C VAL F 75 6.87 55.18 -5.67
N ILE F 76 5.74 55.16 -6.40
CA ILE F 76 5.52 54.22 -7.49
C ILE F 76 5.55 55.01 -8.80
N SER F 77 6.33 54.56 -9.76
CA SER F 77 6.51 55.18 -11.06
C SER F 77 5.96 54.32 -12.21
N ASP F 78 5.87 54.94 -13.38
CA ASP F 78 5.32 54.35 -14.58
C ASP F 78 4.06 53.61 -14.23
N LEU F 79 3.05 54.35 -13.72
CA LEU F 79 1.83 53.75 -13.18
C LEU F 79 0.98 53.09 -14.24
N ARG F 80 0.44 51.94 -13.90
CA ARG F 80 -0.50 51.30 -14.78
C ARG F 80 -1.93 51.34 -14.18
N MET F 81 -2.95 51.09 -14.99
CA MET F 81 -4.33 51.04 -14.50
C MET F 81 -4.44 49.98 -13.39
N GLU F 82 -3.71 48.89 -13.55
CA GLU F 82 -3.79 47.76 -12.65
C GLU F 82 -3.18 48.05 -11.29
N ASP F 83 -2.47 49.18 -11.19
CA ASP F 83 -1.91 49.59 -9.90
C ASP F 83 -2.98 50.12 -8.93
N ALA F 84 -4.14 50.50 -9.45
CA ALA F 84 -5.19 51.13 -8.63
C ALA F 84 -5.65 50.22 -7.47
N GLY F 85 -5.96 50.79 -6.31
CA GLY F 85 -6.70 50.03 -5.34
C GLY F 85 -6.16 50.34 -3.98
N ASP F 86 -6.41 49.44 -3.01
CA ASP F 86 -6.07 49.64 -1.63
C ASP F 86 -4.65 49.20 -1.40
N TYR F 87 -3.85 50.08 -0.79
CA TYR F 87 -2.50 49.74 -0.27
C TYR F 87 -2.48 49.82 1.25
N LYS F 88 -1.56 49.09 1.89
CA LYS F 88 -1.36 49.10 3.33
C LYS F 88 0.11 49.14 3.57
N ALA F 89 0.56 49.93 4.54
CA ALA F 89 1.92 49.87 5.03
C ALA F 89 1.88 49.37 6.47
N ASP F 90 2.66 48.32 6.77
CA ASP F 90 2.73 47.79 8.17
C ASP F 90 4.04 48.23 8.63
N ILE F 91 4.05 49.19 9.52
CA ILE F 91 5.26 49.89 9.86
C ILE F 91 5.74 49.34 11.19
N ASN F 92 6.90 48.66 11.18
CA ASN F 92 7.38 48.01 12.40
C ASN F 92 8.40 48.83 13.13
N THR F 93 8.19 48.90 14.43
CA THR F 93 8.68 49.97 15.30
C THR F 93 9.30 49.35 16.58
N GLN F 94 10.28 50.04 17.16
CA GLN F 94 10.95 49.60 18.39
C GLN F 94 10.05 49.62 19.61
N ALA F 95 9.23 50.67 19.75
CA ALA F 95 8.31 50.85 20.89
C ALA F 95 6.84 50.59 20.57
N ASP F 96 6.04 50.35 21.62
CA ASP F 96 4.57 50.27 21.54
C ASP F 96 4.08 51.32 20.53
N PRO F 97 3.18 50.92 19.61
CA PRO F 97 2.49 49.64 19.53
C PRO F 97 3.22 48.53 18.72
N TYR F 98 4.44 48.79 18.25
CA TYR F 98 5.29 47.79 17.61
C TYR F 98 4.96 47.62 16.14
N THR F 99 3.69 47.49 15.82
CA THR F 99 3.26 47.66 14.42
C THR F 99 2.20 48.73 14.34
N THR F 100 2.36 49.58 13.33
CA THR F 100 1.39 50.62 12.95
C THR F 100 0.99 50.41 11.51
N THR F 101 -0.32 50.36 11.24
CA THR F 101 -0.78 50.21 9.88
C THR F 101 -1.35 51.49 9.29
N LYS F 102 -0.79 51.94 8.17
CA LYS F 102 -1.34 53.06 7.38
C LYS F 102 -2.02 52.55 6.11
N ARG F 103 -3.26 52.99 5.91
CA ARG F 103 -4.10 52.57 4.78
C ARG F 103 -4.27 53.69 3.77
N TYR F 104 -4.21 53.29 2.50
CA TYR F 104 -4.35 54.21 1.38
C TYR F 104 -5.22 53.62 0.28
N ASN F 105 -5.85 54.51 -0.50
CA ASN F 105 -6.47 54.10 -1.74
C ASN F 105 -5.84 54.83 -2.92
N LEU F 106 -5.23 54.08 -3.83
CA LEU F 106 -4.65 54.66 -5.02
C LEU F 106 -5.70 54.70 -6.11
N GLN F 107 -6.08 55.89 -6.57
N GLN F 107 -6.05 55.93 -6.51
CA GLN F 107 -6.99 55.99 -7.75
CA GLN F 107 -6.92 56.19 -7.69
C GLN F 107 -6.19 56.51 -8.93
C GLN F 107 -5.98 56.43 -8.87
N ILE F 108 -6.19 55.75 -10.01
CA ILE F 108 -5.39 56.02 -11.22
C ILE F 108 -6.22 56.55 -12.41
N TYR F 109 -5.83 57.71 -12.96
CA TYR F 109 -6.51 58.40 -14.06
C TYR F 109 -5.63 58.48 -15.31
N ARG F 110 -6.24 58.15 -16.44
CA ARG F 110 -5.61 58.45 -17.71
C ARG F 110 -5.94 59.89 -18.14
N ARG F 111 -4.92 60.71 -18.08
CA ARG F 111 -4.99 62.15 -18.46
C ARG F 111 -3.84 62.53 -19.40
#